data_7EJH
#
_entry.id   7EJH
#
_cell.length_a   131.079
_cell.length_b   56.128
_cell.length_c   129.036
_cell.angle_alpha   90.000
_cell.angle_beta   103.757
_cell.angle_gamma   90.000
#
_symmetry.space_group_name_H-M   'C 1 2 1'
#
loop_
_entity.id
_entity.type
_entity.pdbx_description
1 polymer '3-alpha-(Or 20-beta)-hydroxysteroid dehydrogenase'
2 non-polymer 'MAGNESIUM ION'
3 non-polymer 'NADP NICOTINAMIDE-ADENINE-DINUCLEOTIDE PHOSPHATE'
4 non-polymer 2-oxidanylisoindole-1,3-dione
5 water water
#
_entity_poly.entity_id   1
_entity_poly.type   'polypeptide(L)'
_entity_poly.pdbx_seq_one_letter_code
;GMTDRLKGKVAIVTGGTLGIGLAIADKFVEEGAKVVITGRHADVGEKAAKSIGGTDVIRFVQHDASDEAGWTKLFDTTEE
AFGPVTTVVNNAGIAVSKSVEDTTTEEWRKLLSVNLDGVFFGTRLGIQRMKNKGLGASIINMSSIEGLVGDPTQGAYNAS
KGAVRIMSKSAALDCALKDYDVRVNTVHPGPIKTPLVDDAEGAEEFFSQRTKTPMGHIGEPNDIAWICVYLASDESKFAT
GAEFVVDGGYTAQ
;
_entity_poly.pdbx_strand_id   A,B,C,D
#
# COMPACT_ATOMS: atom_id res chain seq x y z
N GLY A 1 -10.05 3.77 -39.13
CA GLY A 1 -9.81 2.42 -38.67
C GLY A 1 -8.81 2.34 -37.54
N MET A 2 -8.77 1.21 -36.84
CA MET A 2 -7.89 1.01 -35.70
C MET A 2 -6.66 0.19 -36.11
N THR A 3 -5.76 0.00 -35.15
CA THR A 3 -4.43 -0.49 -35.44
C THR A 3 -4.01 -1.52 -34.41
N ASP A 4 -3.40 -2.61 -34.89
CA ASP A 4 -2.81 -3.63 -34.03
C ASP A 4 -1.99 -3.01 -32.92
N ARG A 5 -2.41 -3.24 -31.67
CA ARG A 5 -1.79 -2.56 -30.53
C ARG A 5 -0.43 -3.12 -30.16
N LEU A 6 -0.06 -4.28 -30.70
CA LEU A 6 1.24 -4.87 -30.40
C LEU A 6 2.04 -5.11 -31.68
N LYS A 7 1.78 -4.32 -32.72
CA LYS A 7 2.49 -4.45 -33.98
C LYS A 7 3.99 -4.46 -33.75
N GLY A 8 4.64 -5.51 -34.29
CA GLY A 8 6.07 -5.63 -34.23
C GLY A 8 6.64 -6.22 -32.96
N LYS A 9 5.80 -6.48 -31.95
CA LYS A 9 6.31 -7.00 -30.69
C LYS A 9 6.60 -8.49 -30.80
N VAL A 10 7.54 -8.96 -29.98
CA VAL A 10 7.91 -10.37 -29.95
C VAL A 10 7.95 -10.80 -28.49
N ALA A 11 7.00 -11.65 -28.09
CA ALA A 11 6.73 -11.97 -26.70
C ALA A 11 7.09 -13.42 -26.36
N ILE A 12 7.67 -13.61 -25.17
CA ILE A 12 7.78 -14.90 -24.51
C ILE A 12 6.77 -14.91 -23.36
N VAL A 13 5.92 -15.93 -23.34
CA VAL A 13 4.88 -16.08 -22.30
C VAL A 13 5.14 -17.40 -21.62
N THR A 14 5.66 -17.39 -20.39
CA THR A 14 5.94 -18.67 -19.73
C THR A 14 4.70 -19.25 -19.08
N GLY A 15 4.53 -20.55 -19.23
CA GLY A 15 3.26 -21.13 -18.82
C GLY A 15 2.11 -20.62 -19.66
N GLY A 16 2.33 -20.51 -20.97
CA GLY A 16 1.32 -19.97 -21.84
C GLY A 16 0.44 -20.99 -22.56
N THR A 17 0.37 -22.20 -22.03
CA THR A 17 -0.38 -23.26 -22.68
C THR A 17 -1.73 -23.55 -22.03
N LEU A 18 -1.97 -23.05 -20.81
CA LEU A 18 -3.26 -23.17 -20.16
C LEU A 18 -3.61 -21.84 -19.50
N GLY A 19 -4.91 -21.65 -19.23
CA GLY A 19 -5.35 -20.63 -18.29
C GLY A 19 -4.98 -19.22 -18.70
N ILE A 20 -4.50 -18.45 -17.70
CA ILE A 20 -4.19 -17.04 -17.92
C ILE A 20 -3.16 -16.87 -19.03
N GLY A 21 -2.06 -17.62 -18.95
CA GLY A 21 -1.03 -17.51 -19.97
C GLY A 21 -1.54 -17.77 -21.39
N LEU A 22 -2.39 -18.80 -21.55
CA LEU A 22 -2.98 -19.09 -22.85
C LEU A 22 -3.78 -17.90 -23.38
N ALA A 23 -4.57 -17.26 -22.50
CA ALA A 23 -5.33 -16.10 -22.93
C ALA A 23 -4.41 -14.92 -23.26
N ILE A 24 -3.32 -14.75 -22.51
CA ILE A 24 -2.36 -13.68 -22.83
C ILE A 24 -1.76 -13.93 -24.20
N ALA A 25 -1.38 -15.18 -24.46
CA ALA A 25 -0.83 -15.53 -25.77
C ALA A 25 -1.84 -15.25 -26.87
N ASP A 26 -3.09 -15.67 -26.65
CA ASP A 26 -4.14 -15.51 -27.65
C ASP A 26 -4.37 -14.05 -28.01
N LYS A 27 -4.54 -13.18 -27.02
CA LYS A 27 -4.83 -11.79 -27.37
C LYS A 27 -3.57 -11.06 -27.83
N PHE A 28 -2.39 -11.48 -27.37
CA PHE A 28 -1.15 -10.93 -27.93
C PHE A 28 -1.07 -11.16 -29.44
N VAL A 29 -1.43 -12.37 -29.89
CA VAL A 29 -1.43 -12.65 -31.33
C VAL A 29 -2.50 -11.83 -32.02
N GLU A 30 -3.69 -11.74 -31.41
CA GLU A 30 -4.77 -10.97 -32.01
C GLU A 30 -4.35 -9.52 -32.25
N GLU A 31 -3.44 -9.01 -31.42
CA GLU A 31 -3.01 -7.62 -31.50
C GLU A 31 -1.72 -7.45 -32.27
N GLY A 32 -1.28 -8.48 -32.98
CA GLY A 32 -0.15 -8.35 -33.88
C GLY A 32 1.19 -8.86 -33.36
N ALA A 33 1.27 -9.33 -32.13
CA ALA A 33 2.54 -9.81 -31.61
C ALA A 33 2.86 -11.20 -32.14
N LYS A 34 4.15 -11.49 -32.25
CA LYS A 34 4.63 -12.87 -32.43
C LYS A 34 4.93 -13.44 -31.06
N VAL A 35 4.49 -14.68 -30.79
CA VAL A 35 4.54 -15.21 -29.43
C VAL A 35 5.24 -16.57 -29.38
N VAL A 36 6.08 -16.76 -28.36
CA VAL A 36 6.51 -18.09 -27.93
C VAL A 36 5.87 -18.38 -26.58
N ILE A 37 5.18 -19.53 -26.46
CA ILE A 37 4.63 -19.98 -25.18
C ILE A 37 5.47 -21.14 -24.66
N THR A 38 5.62 -21.21 -23.34
CA THR A 38 6.33 -22.31 -22.72
C THR A 38 5.39 -23.07 -21.79
N GLY A 39 5.88 -24.24 -21.36
CA GLY A 39 5.18 -25.16 -20.49
C GLY A 39 5.99 -26.44 -20.36
N ARG A 40 5.59 -27.26 -19.41
CA ARG A 40 6.31 -28.52 -19.21
C ARG A 40 5.80 -29.63 -20.12
N HIS A 41 4.52 -29.62 -20.49
CA HIS A 41 3.89 -30.75 -21.19
C HIS A 41 3.74 -30.41 -22.67
N ALA A 42 4.54 -31.11 -23.50
CA ALA A 42 4.58 -30.80 -24.92
C ALA A 42 3.26 -31.10 -25.61
N ASP A 43 2.56 -32.16 -25.19
CA ASP A 43 1.27 -32.46 -25.78
C ASP A 43 0.32 -31.27 -25.64
N VAL A 44 0.17 -30.77 -24.42
CA VAL A 44 -0.67 -29.59 -24.20
C VAL A 44 -0.11 -28.40 -24.96
N GLY A 45 1.20 -28.21 -24.87
CA GLY A 45 1.83 -27.04 -25.47
C GLY A 45 1.64 -26.96 -26.97
N GLU A 46 1.85 -28.08 -27.68
CA GLU A 46 1.76 -28.01 -29.13
C GLU A 46 0.33 -27.75 -29.58
N LYS A 47 -0.65 -28.32 -28.88
CA LYS A 47 -2.03 -28.01 -29.27
C LYS A 47 -2.41 -26.59 -28.92
N ALA A 48 -1.89 -26.10 -27.80
CA ALA A 48 -2.12 -24.71 -27.44
C ALA A 48 -1.70 -23.77 -28.55
N ALA A 49 -0.46 -23.94 -29.02
CA ALA A 49 0.04 -23.09 -30.11
C ALA A 49 -0.87 -23.19 -31.33
N LYS A 50 -1.18 -24.42 -31.77
CA LYS A 50 -1.98 -24.58 -32.99
C LYS A 50 -3.37 -23.96 -32.84
N SER A 51 -3.93 -24.00 -31.62
CA SER A 51 -5.27 -23.44 -31.40
C SER A 51 -5.30 -21.93 -31.60
N ILE A 52 -4.16 -21.25 -31.54
CA ILE A 52 -4.12 -19.80 -31.66
C ILE A 52 -3.70 -19.36 -33.06
N GLY A 53 -2.70 -20.00 -33.64
CA GLY A 53 -2.30 -19.66 -35.00
C GLY A 53 -1.21 -20.58 -35.49
N GLY A 54 -0.69 -20.23 -36.68
CA GLY A 54 0.42 -20.93 -37.27
C GLY A 54 1.76 -20.55 -36.66
N THR A 55 2.81 -21.19 -37.16
CA THR A 55 4.16 -20.91 -36.69
C THR A 55 4.70 -19.60 -37.23
N ASP A 56 3.93 -18.91 -38.08
CA ASP A 56 4.26 -17.55 -38.48
C ASP A 56 4.01 -16.56 -37.35
N VAL A 57 3.18 -16.91 -36.38
CA VAL A 57 2.84 -15.99 -35.29
C VAL A 57 3.01 -16.60 -33.90
N ILE A 58 2.99 -17.92 -33.72
CA ILE A 58 3.12 -18.47 -32.38
C ILE A 58 3.79 -19.84 -32.47
N ARG A 59 4.63 -20.14 -31.47
CA ARG A 59 5.28 -21.42 -31.35
C ARG A 59 5.36 -21.80 -29.89
N PHE A 60 5.45 -23.10 -29.63
CA PHE A 60 5.63 -23.64 -28.28
C PHE A 60 7.08 -24.02 -28.06
N VAL A 61 7.55 -23.84 -26.82
CA VAL A 61 8.86 -24.32 -26.41
C VAL A 61 8.73 -25.02 -25.07
N GLN A 62 9.09 -26.29 -25.01
CA GLN A 62 9.08 -27.03 -23.75
C GLN A 62 10.18 -26.50 -22.84
N HIS A 63 9.79 -25.88 -21.72
CA HIS A 63 10.76 -25.32 -20.80
C HIS A 63 10.14 -25.20 -19.41
N ASP A 64 10.90 -25.65 -18.40
CA ASP A 64 10.56 -25.47 -16.99
C ASP A 64 11.14 -24.14 -16.53
N ALA A 65 10.29 -23.23 -16.00
CA ALA A 65 10.77 -21.89 -15.68
C ALA A 65 11.85 -21.91 -14.61
N SER A 66 11.92 -22.98 -13.82
CA SER A 66 12.98 -23.14 -12.83
C SER A 66 14.31 -23.52 -13.46
N ASP A 67 14.34 -23.80 -14.76
CA ASP A 67 15.53 -24.32 -15.45
C ASP A 67 16.31 -23.15 -16.06
N GLU A 68 17.36 -22.72 -15.36
CA GLU A 68 18.10 -21.53 -15.73
C GLU A 68 18.74 -21.68 -17.12
N ALA A 69 19.44 -22.79 -17.34
CA ALA A 69 20.10 -23.00 -18.63
C ALA A 69 19.10 -22.99 -19.78
N GLY A 70 17.90 -23.52 -19.56
CA GLY A 70 16.91 -23.51 -20.61
C GLY A 70 16.43 -22.13 -21.00
N TRP A 71 16.55 -21.15 -20.11
CA TRP A 71 16.13 -19.79 -20.43
C TRP A 71 16.94 -19.22 -21.59
N THR A 72 18.26 -19.49 -21.60
CA THR A 72 19.11 -19.04 -22.69
C THR A 72 18.65 -19.62 -24.02
N LYS A 73 18.43 -20.94 -24.07
CA LYS A 73 17.95 -21.56 -25.31
C LYS A 73 16.61 -21.00 -25.72
N LEU A 74 15.76 -20.71 -24.73
CA LEU A 74 14.44 -20.16 -25.03
C LEU A 74 14.55 -18.81 -25.75
N PHE A 75 15.39 -17.92 -25.23
CA PHE A 75 15.55 -16.62 -25.91
C PHE A 75 16.20 -16.81 -27.27
N ASP A 76 17.24 -17.65 -27.35
CA ASP A 76 17.86 -17.97 -28.64
C ASP A 76 16.84 -18.49 -29.62
N THR A 77 16.06 -19.50 -29.21
CA THR A 77 15.03 -20.06 -30.07
C THR A 77 14.04 -19.00 -30.52
N THR A 78 13.61 -18.13 -29.59
CA THR A 78 12.64 -17.11 -29.97
C THR A 78 13.24 -16.11 -30.97
N GLU A 79 14.49 -15.72 -30.74
CA GLU A 79 15.16 -14.81 -31.68
C GLU A 79 15.19 -15.40 -33.08
N GLU A 80 15.67 -16.64 -33.20
CA GLU A 80 15.79 -17.27 -34.52
C GLU A 80 14.44 -17.38 -35.20
N ALA A 81 13.38 -17.63 -34.41
CA ALA A 81 12.06 -17.74 -35.02
C ALA A 81 11.52 -16.39 -35.46
N PHE A 82 11.66 -15.35 -34.62
CA PHE A 82 10.84 -14.16 -34.75
C PHE A 82 11.62 -12.85 -34.72
N GLY A 83 12.87 -12.86 -34.30
CA GLY A 83 13.62 -11.63 -34.16
C GLY A 83 13.84 -11.27 -32.70
N PRO A 84 14.47 -10.12 -32.46
CA PRO A 84 14.76 -9.70 -31.08
C PRO A 84 13.52 -9.69 -30.21
N VAL A 85 13.66 -10.26 -29.01
CA VAL A 85 12.52 -10.34 -28.08
C VAL A 85 12.27 -8.95 -27.49
N THR A 86 10.98 -8.56 -27.41
CA THR A 86 10.59 -7.26 -26.89
C THR A 86 9.78 -7.32 -25.61
N THR A 87 9.25 -8.49 -25.26
CA THR A 87 8.17 -8.56 -24.28
C THR A 87 8.32 -9.91 -23.59
N VAL A 88 8.41 -9.91 -22.26
CA VAL A 88 8.54 -11.13 -21.47
C VAL A 88 7.45 -11.14 -20.42
N VAL A 89 6.58 -12.15 -20.45
CA VAL A 89 5.54 -12.34 -19.43
C VAL A 89 5.96 -13.51 -18.56
N ASN A 90 6.38 -13.22 -17.32
CA ASN A 90 6.76 -14.27 -16.38
C ASN A 90 5.50 -14.76 -15.68
N ASN A 91 4.84 -15.74 -16.28
CA ASN A 91 3.51 -16.13 -15.85
C ASN A 91 3.45 -17.51 -15.22
N ALA A 92 4.36 -18.41 -15.59
CA ALA A 92 4.40 -19.75 -15.01
C ALA A 92 4.45 -19.67 -13.49
N GLY A 93 3.59 -20.45 -12.83
CA GLY A 93 3.58 -20.50 -11.38
C GLY A 93 2.73 -21.65 -10.90
N ILE A 94 2.98 -22.06 -9.66
CA ILE A 94 2.29 -23.19 -9.06
C ILE A 94 1.84 -22.80 -7.65
N ALA A 95 1.00 -23.64 -7.06
CA ALA A 95 0.43 -23.35 -5.74
C ALA A 95 0.60 -24.56 -4.82
N VAL A 96 0.44 -24.29 -3.52
CA VAL A 96 0.58 -25.29 -2.47
C VAL A 96 -0.36 -24.92 -1.32
N SER A 97 -1.36 -25.76 -1.05
N SER A 97 -1.35 -25.76 -1.04
CA SER A 97 -2.36 -25.43 -0.03
CA SER A 97 -2.37 -25.45 -0.03
C SER A 97 -1.85 -25.86 1.34
C SER A 97 -1.86 -25.86 1.35
N LYS A 98 -1.00 -25.01 1.92
CA LYS A 98 -0.45 -25.22 3.24
C LYS A 98 -0.30 -23.90 3.96
N SER A 99 -0.69 -23.87 5.24
CA SER A 99 -0.27 -22.77 6.09
C SER A 99 1.25 -22.74 6.19
N VAL A 100 1.79 -21.61 6.63
CA VAL A 100 3.23 -21.54 6.92
C VAL A 100 3.60 -22.67 7.88
N GLU A 101 2.81 -22.85 8.94
CA GLU A 101 3.07 -23.90 9.93
C GLU A 101 3.19 -25.28 9.28
N ASP A 102 2.34 -25.58 8.29
CA ASP A 102 2.25 -26.92 7.72
C ASP A 102 3.03 -27.08 6.43
N THR A 103 3.86 -26.12 6.06
CA THR A 103 4.56 -26.23 4.78
C THR A 103 5.82 -27.06 4.98
N THR A 104 5.96 -28.12 4.20
CA THR A 104 7.22 -28.84 4.28
C THR A 104 8.30 -28.01 3.59
N THR A 105 9.53 -28.19 4.04
CA THR A 105 10.63 -27.50 3.40
C THR A 105 10.74 -27.88 1.93
N GLU A 106 10.36 -29.11 1.58
CA GLU A 106 10.39 -29.50 0.17
C GLU A 106 9.30 -28.80 -0.63
N GLU A 107 8.11 -28.63 -0.04
CA GLU A 107 7.07 -27.85 -0.70
C GLU A 107 7.51 -26.41 -0.88
N TRP A 108 8.16 -25.86 0.13
CA TRP A 108 8.68 -24.49 0.09
C TRP A 108 9.65 -24.29 -1.07
N ARG A 109 10.71 -25.10 -1.11
CA ARG A 109 11.73 -24.91 -2.14
C ARG A 109 11.16 -25.15 -3.54
N LYS A 110 10.25 -26.13 -3.68
CA LYS A 110 9.73 -26.42 -5.01
C LYS A 110 8.91 -25.25 -5.54
N LEU A 111 8.00 -24.72 -4.72
CA LEU A 111 7.19 -23.60 -5.18
C LEU A 111 8.06 -22.39 -5.51
N LEU A 112 9.04 -22.11 -4.67
CA LEU A 112 9.85 -20.90 -4.88
C LEU A 112 10.75 -21.05 -6.11
N SER A 113 11.24 -22.25 -6.38
N SER A 113 11.25 -22.26 -6.38
CA SER A 113 12.08 -22.45 -7.56
CA SER A 113 12.08 -22.45 -7.57
C SER A 113 11.34 -22.09 -8.84
C SER A 113 11.33 -22.03 -8.82
N VAL A 114 10.01 -22.24 -8.85
CA VAL A 114 9.21 -21.89 -10.02
C VAL A 114 8.75 -20.44 -9.91
N ASN A 115 8.06 -20.12 -8.80
CA ASN A 115 7.36 -18.85 -8.68
C ASN A 115 8.31 -17.69 -8.49
N LEU A 116 9.43 -17.91 -7.80
CA LEU A 116 10.38 -16.83 -7.53
C LEU A 116 11.60 -16.93 -8.44
N ASP A 117 12.38 -18.02 -8.34
CA ASP A 117 13.57 -18.16 -9.18
C ASP A 117 13.23 -18.03 -10.67
N GLY A 118 12.14 -18.65 -11.10
CA GLY A 118 11.74 -18.55 -12.51
C GLY A 118 11.45 -17.13 -12.95
N VAL A 119 10.82 -16.34 -12.09
CA VAL A 119 10.58 -14.95 -12.46
C VAL A 119 11.90 -14.18 -12.41
N PHE A 120 12.79 -14.51 -11.48
CA PHE A 120 14.11 -13.87 -11.44
C PHE A 120 14.89 -14.18 -12.71
N PHE A 121 14.92 -15.46 -13.13
CA PHE A 121 15.68 -15.83 -14.32
C PHE A 121 15.15 -15.12 -15.56
N GLY A 122 13.83 -15.03 -15.68
CA GLY A 122 13.24 -14.42 -16.86
C GLY A 122 13.38 -12.90 -16.86
N THR A 123 13.34 -12.28 -15.67
CA THR A 123 13.49 -10.84 -15.60
C THR A 123 14.93 -10.43 -15.90
N ARG A 124 15.89 -11.10 -15.25
CA ARG A 124 17.30 -10.79 -15.46
C ARG A 124 17.69 -10.98 -16.91
N LEU A 125 17.32 -12.11 -17.51
CA LEU A 125 17.65 -12.34 -18.91
C LEU A 125 16.86 -11.42 -19.83
N GLY A 126 15.63 -11.05 -19.46
CA GLY A 126 14.90 -10.12 -20.29
C GLY A 126 15.61 -8.78 -20.36
N ILE A 127 16.09 -8.28 -19.22
CA ILE A 127 16.82 -7.03 -19.21
C ILE A 127 18.05 -7.13 -20.10
N GLN A 128 18.89 -8.15 -19.86
CA GLN A 128 20.12 -8.31 -20.62
C GLN A 128 19.85 -8.41 -22.12
N ARG A 129 18.81 -9.13 -22.50
CA ARG A 129 18.55 -9.35 -23.91
C ARG A 129 17.85 -8.18 -24.58
N MET A 130 17.14 -7.32 -23.84
CA MET A 130 16.31 -6.30 -24.46
C MET A 130 16.79 -4.88 -24.23
N LYS A 131 17.74 -4.68 -23.33
CA LYS A 131 18.18 -3.33 -23.00
C LYS A 131 18.89 -2.71 -24.19
N ASN A 132 18.66 -1.40 -24.36
CA ASN A 132 19.44 -0.55 -25.25
C ASN A 132 19.19 -0.84 -26.72
N LYS A 133 18.06 -1.47 -27.06
CA LYS A 133 17.72 -1.76 -28.44
C LYS A 133 16.55 -0.96 -28.95
N GLY A 134 16.03 -0.02 -28.14
CA GLY A 134 14.93 0.83 -28.58
C GLY A 134 13.68 0.08 -28.99
N LEU A 135 13.40 -1.05 -28.36
CA LEU A 135 12.28 -1.90 -28.79
C LEU A 135 10.97 -1.54 -28.10
N GLY A 136 10.99 -0.65 -27.12
CA GLY A 136 9.83 -0.47 -26.27
C GLY A 136 9.58 -1.74 -25.46
N ALA A 137 10.61 -2.21 -24.79
CA ALA A 137 10.58 -3.52 -24.16
C ALA A 137 9.79 -3.49 -22.85
N SER A 138 9.04 -4.56 -22.61
CA SER A 138 8.18 -4.61 -21.43
C SER A 138 8.25 -5.98 -20.80
N ILE A 139 8.56 -6.03 -19.50
CA ILE A 139 8.56 -7.25 -18.72
C ILE A 139 7.37 -7.22 -17.79
N ILE A 140 6.49 -8.22 -17.90
CA ILE A 140 5.26 -8.28 -17.12
C ILE A 140 5.38 -9.48 -16.20
N ASN A 141 5.46 -9.24 -14.90
CA ASN A 141 5.63 -10.33 -13.93
C ASN A 141 4.32 -10.62 -13.24
N MET A 142 3.92 -11.89 -13.27
CA MET A 142 2.61 -12.28 -12.73
C MET A 142 2.74 -12.47 -11.24
N SER A 143 2.23 -11.52 -10.48
CA SER A 143 2.07 -11.67 -9.04
C SER A 143 0.63 -12.13 -8.78
N SER A 144 -0.09 -11.56 -7.83
CA SER A 144 -1.40 -12.04 -7.42
C SER A 144 -1.91 -11.02 -6.41
N ILE A 145 -3.20 -11.11 -6.09
CA ILE A 145 -3.64 -10.45 -4.87
C ILE A 145 -2.89 -11.01 -3.67
N GLU A 146 -2.38 -12.25 -3.80
CA GLU A 146 -1.63 -12.90 -2.73
C GLU A 146 -0.20 -12.41 -2.64
N GLY A 147 0.17 -11.40 -3.42
CA GLY A 147 1.35 -10.62 -3.14
C GLY A 147 1.03 -9.32 -2.45
N LEU A 148 -0.26 -9.06 -2.16
CA LEU A 148 -0.73 -7.85 -1.50
C LEU A 148 -1.38 -8.11 -0.16
N VAL A 149 -2.06 -9.25 -0.01
CA VAL A 149 -2.63 -9.68 1.25
C VAL A 149 -2.21 -11.12 1.48
N GLY A 150 -2.33 -11.55 2.74
CA GLY A 150 -2.03 -12.93 3.08
C GLY A 150 -3.23 -13.85 2.89
N ASP A 151 -2.93 -15.15 2.88
CA ASP A 151 -3.93 -16.19 2.86
C ASP A 151 -3.41 -17.22 3.87
N PRO A 152 -4.22 -17.58 4.85
CA PRO A 152 -3.75 -18.52 5.89
C PRO A 152 -3.32 -19.88 5.34
N THR A 153 -3.80 -20.28 4.17
CA THR A 153 -3.44 -21.60 3.66
C THR A 153 -2.66 -21.52 2.34
N GLN A 154 -1.91 -20.43 2.12
CA GLN A 154 -1.01 -20.37 0.97
C GLN A 154 0.25 -19.61 1.38
N GLY A 155 0.94 -20.14 2.40
CA GLY A 155 2.07 -19.41 2.98
C GLY A 155 3.25 -19.27 2.04
N ALA A 156 3.64 -20.35 1.36
CA ALA A 156 4.78 -20.27 0.43
C ALA A 156 4.42 -19.45 -0.82
N TYR A 157 3.19 -19.62 -1.29
CA TYR A 157 2.69 -18.82 -2.40
C TYR A 157 2.73 -17.32 -2.09
N ASN A 158 2.22 -16.94 -0.90
CA ASN A 158 2.29 -15.54 -0.46
C ASN A 158 3.74 -15.03 -0.52
N ALA A 159 4.66 -15.76 0.13
CA ALA A 159 6.07 -15.39 0.04
C ALA A 159 6.51 -15.15 -1.40
N SER A 160 6.21 -16.08 -2.31
CA SER A 160 6.69 -15.96 -3.67
C SER A 160 6.11 -14.74 -4.37
N LYS A 161 4.82 -14.45 -4.16
CA LYS A 161 4.22 -13.34 -4.89
C LYS A 161 4.57 -12.00 -4.28
N GLY A 162 4.84 -11.94 -2.96
CA GLY A 162 5.36 -10.71 -2.39
C GLY A 162 6.77 -10.41 -2.87
N ALA A 163 7.58 -11.46 -3.07
CA ALA A 163 8.92 -11.28 -3.62
C ALA A 163 8.86 -10.74 -5.04
N VAL A 164 8.00 -11.32 -5.88
CA VAL A 164 7.83 -10.88 -7.26
C VAL A 164 7.40 -9.41 -7.27
N ARG A 165 6.50 -9.05 -6.36
CA ARG A 165 5.99 -7.69 -6.28
C ARG A 165 7.13 -6.68 -6.10
N ILE A 166 8.06 -6.96 -5.20
CA ILE A 166 9.06 -5.93 -4.91
C ILE A 166 10.31 -6.10 -5.78
N MET A 167 10.67 -7.34 -6.13
CA MET A 167 11.81 -7.51 -7.04
C MET A 167 11.57 -6.78 -8.34
N SER A 168 10.32 -6.79 -8.82
CA SER A 168 10.01 -6.12 -10.07
C SER A 168 10.24 -4.62 -9.97
N LYS A 169 10.01 -4.04 -8.79
CA LYS A 169 10.27 -2.61 -8.62
C LYS A 169 11.76 -2.30 -8.74
N SER A 170 12.61 -3.12 -8.09
CA SER A 170 14.05 -2.96 -8.24
C SER A 170 14.44 -2.91 -9.72
N ALA A 171 13.98 -3.89 -10.49
CA ALA A 171 14.30 -3.98 -11.90
C ALA A 171 13.73 -2.80 -12.68
N ALA A 172 12.49 -2.41 -12.38
CA ALA A 172 11.93 -1.23 -13.04
C ALA A 172 12.80 0.00 -12.78
N LEU A 173 13.25 0.20 -11.54
CA LEU A 173 14.01 1.40 -11.22
C LEU A 173 15.35 1.40 -11.95
N ASP A 174 16.10 0.30 -11.86
CA ASP A 174 17.40 0.24 -12.52
C ASP A 174 17.26 0.45 -14.02
N CYS A 175 16.25 -0.18 -14.63
CA CYS A 175 16.04 -0.02 -16.07
C CYS A 175 15.74 1.44 -16.42
N ALA A 176 14.92 2.11 -15.61
CA ALA A 176 14.55 3.49 -15.91
C ALA A 176 15.73 4.43 -15.70
N LEU A 177 16.47 4.24 -14.62
CA LEU A 177 17.59 5.12 -14.33
C LEU A 177 18.68 5.00 -15.38
N LYS A 178 18.81 3.83 -15.99
CA LYS A 178 19.87 3.59 -16.96
C LYS A 178 19.41 3.77 -18.40
N ASP A 179 18.16 4.18 -18.62
CA ASP A 179 17.63 4.46 -19.95
C ASP A 179 17.66 3.22 -20.85
N TYR A 180 17.37 2.06 -20.26
CA TYR A 180 17.42 0.81 -21.01
C TYR A 180 16.29 0.67 -22.02
N ASP A 181 15.22 1.47 -21.90
CA ASP A 181 13.99 1.27 -22.67
C ASP A 181 13.39 -0.10 -22.37
N VAL A 182 13.36 -0.45 -21.09
CA VAL A 182 12.73 -1.68 -20.60
C VAL A 182 11.88 -1.33 -19.39
N ARG A 183 10.57 -1.51 -19.51
CA ARG A 183 9.66 -1.32 -18.39
C ARG A 183 9.39 -2.65 -17.70
N VAL A 184 9.19 -2.61 -16.37
CA VAL A 184 8.86 -3.80 -15.59
C VAL A 184 7.66 -3.45 -14.70
N ASN A 185 6.60 -4.26 -14.78
CA ASN A 185 5.41 -4.04 -13.94
C ASN A 185 4.90 -5.39 -13.46
N THR A 186 4.09 -5.36 -12.40
CA THR A 186 3.47 -6.60 -11.94
C THR A 186 1.96 -6.56 -12.12
N VAL A 187 1.38 -7.74 -12.37
CA VAL A 187 -0.06 -7.89 -12.51
C VAL A 187 -0.50 -8.75 -11.34
N HIS A 188 -1.64 -8.39 -10.75
CA HIS A 188 -2.14 -9.00 -9.53
C HIS A 188 -3.58 -9.44 -9.77
N PRO A 189 -3.78 -10.59 -10.42
CA PRO A 189 -5.15 -11.10 -10.56
C PRO A 189 -5.70 -11.50 -9.21
N GLY A 190 -6.99 -11.24 -9.03
CA GLY A 190 -7.77 -11.97 -8.05
C GLY A 190 -8.05 -13.36 -8.56
N PRO A 191 -9.06 -14.03 -8.01
CA PRO A 191 -9.35 -15.41 -8.45
C PRO A 191 -9.84 -15.41 -9.89
N ILE A 192 -9.26 -16.32 -10.68
CA ILE A 192 -9.53 -16.44 -12.12
C ILE A 192 -9.81 -17.89 -12.45
N LYS A 193 -10.85 -18.14 -13.26
CA LYS A 193 -11.19 -19.52 -13.60
C LYS A 193 -10.18 -20.10 -14.58
N THR A 194 -9.35 -21.01 -14.10
CA THR A 194 -8.25 -21.63 -14.84
C THR A 194 -8.15 -23.08 -14.39
N PRO A 195 -7.40 -23.93 -15.09
CA PRO A 195 -7.15 -25.28 -14.56
C PRO A 195 -6.62 -25.29 -13.13
N LEU A 196 -5.76 -24.31 -12.78
CA LEU A 196 -5.27 -24.23 -11.41
C LEU A 196 -6.42 -24.12 -10.41
N VAL A 197 -7.41 -23.29 -10.71
CA VAL A 197 -8.54 -23.15 -9.80
C VAL A 197 -9.49 -24.36 -9.92
N ASP A 198 -9.75 -24.81 -11.15
CA ASP A 198 -10.69 -25.91 -11.33
C ASP A 198 -10.25 -27.18 -10.62
N ASP A 199 -8.95 -27.42 -10.52
CA ASP A 199 -8.50 -28.66 -9.91
C ASP A 199 -8.46 -28.61 -8.39
N ALA A 200 -8.60 -27.42 -7.80
CA ALA A 200 -8.70 -27.27 -6.36
C ALA A 200 -10.18 -27.32 -5.98
N GLU A 201 -10.58 -28.44 -5.38
CA GLU A 201 -12.00 -28.68 -5.13
C GLU A 201 -12.60 -27.63 -4.22
N GLY A 202 -13.69 -27.01 -4.68
CA GLY A 202 -14.38 -25.99 -3.91
C GLY A 202 -13.76 -24.62 -3.96
N ALA A 203 -12.68 -24.42 -4.73
CA ALA A 203 -12.00 -23.13 -4.73
C ALA A 203 -12.87 -22.04 -5.35
N GLU A 204 -13.47 -22.31 -6.51
CA GLU A 204 -14.27 -21.29 -7.19
C GLU A 204 -15.46 -20.86 -6.33
N GLU A 205 -16.09 -21.82 -5.65
CA GLU A 205 -17.21 -21.49 -4.78
C GLU A 205 -16.75 -20.65 -3.59
N PHE A 206 -15.64 -21.06 -2.97
CA PHE A 206 -15.11 -20.33 -1.84
C PHE A 206 -14.83 -18.89 -2.21
N PHE A 207 -14.12 -18.68 -3.32
CA PHE A 207 -13.70 -17.34 -3.68
C PHE A 207 -14.79 -16.54 -4.37
N SER A 208 -15.93 -17.16 -4.69
CA SER A 208 -17.11 -16.44 -5.13
C SER A 208 -17.95 -15.88 -3.98
N GLN A 209 -17.68 -16.26 -2.73
CA GLN A 209 -18.37 -15.64 -1.61
C GLN A 209 -18.14 -14.14 -1.61
N ARG A 210 -19.20 -13.37 -1.31
CA ARG A 210 -19.08 -11.92 -1.33
C ARG A 210 -18.04 -11.43 -0.33
N THR A 211 -17.82 -12.17 0.76
CA THR A 211 -16.77 -11.79 1.71
C THR A 211 -15.36 -11.95 1.14
N LYS A 212 -15.21 -12.65 0.02
CA LYS A 212 -13.92 -12.81 -0.65
C LYS A 212 -13.86 -11.92 -1.88
N THR A 213 -14.67 -12.23 -2.91
CA THR A 213 -14.74 -11.38 -4.09
C THR A 213 -16.05 -10.62 -4.12
N PRO A 214 -16.05 -9.29 -3.89
CA PRO A 214 -17.32 -8.55 -3.80
C PRO A 214 -18.19 -8.65 -5.04
N MET A 215 -17.61 -8.91 -6.21
CA MET A 215 -18.44 -9.10 -7.41
C MET A 215 -19.24 -10.40 -7.37
N GLY A 216 -18.94 -11.32 -6.47
CA GLY A 216 -19.76 -12.50 -6.32
C GLY A 216 -19.46 -13.60 -7.31
N HIS A 217 -18.34 -13.50 -8.02
CA HIS A 217 -17.91 -14.49 -8.98
C HIS A 217 -16.42 -14.25 -9.18
N ILE A 218 -15.75 -15.22 -9.80
CA ILE A 218 -14.36 -15.10 -10.15
C ILE A 218 -14.22 -14.66 -11.60
N GLY A 219 -13.03 -14.21 -11.99
CA GLY A 219 -12.82 -13.67 -13.30
C GLY A 219 -12.51 -14.76 -14.32
N GLU A 220 -12.13 -14.33 -15.51
CA GLU A 220 -11.79 -15.25 -16.59
C GLU A 220 -10.44 -14.86 -17.16
N PRO A 221 -9.73 -15.81 -17.79
CA PRO A 221 -8.39 -15.52 -18.30
C PRO A 221 -8.29 -14.26 -19.17
N ASN A 222 -9.32 -13.92 -19.95
CA ASN A 222 -9.19 -12.73 -20.78
C ASN A 222 -9.09 -11.46 -19.96
N ASP A 223 -9.66 -11.46 -18.75
CA ASP A 223 -9.51 -10.31 -17.87
C ASP A 223 -8.04 -9.99 -17.63
N ILE A 224 -7.21 -11.02 -17.50
CA ILE A 224 -5.79 -10.78 -17.28
C ILE A 224 -5.09 -10.51 -18.59
N ALA A 225 -5.53 -11.16 -19.67
CA ALA A 225 -4.90 -10.91 -20.97
C ALA A 225 -5.00 -9.45 -21.37
N TRP A 226 -6.14 -8.80 -21.11
CA TRP A 226 -6.32 -7.46 -21.63
C TRP A 226 -5.46 -6.44 -20.89
N ILE A 227 -5.22 -6.64 -19.59
CA ILE A 227 -4.31 -5.70 -18.92
C ILE A 227 -2.87 -5.97 -19.36
N CYS A 228 -2.55 -7.22 -19.70
CA CYS A 228 -1.21 -7.51 -20.19
C CYS A 228 -0.97 -6.89 -21.57
N VAL A 229 -2.00 -6.85 -22.42
CA VAL A 229 -1.88 -6.16 -23.71
C VAL A 229 -1.51 -4.71 -23.49
N TYR A 230 -2.26 -4.03 -22.62
CA TYR A 230 -1.94 -2.64 -22.22
C TYR A 230 -0.48 -2.53 -21.77
N LEU A 231 -0.05 -3.42 -20.89
CA LEU A 231 1.30 -3.30 -20.35
C LEU A 231 2.36 -3.60 -21.40
N ALA A 232 2.06 -4.45 -22.39
CA ALA A 232 3.06 -4.74 -23.40
C ALA A 232 3.13 -3.69 -24.49
N SER A 233 2.04 -2.96 -24.72
CA SER A 233 2.00 -1.96 -25.78
C SER A 233 2.75 -0.70 -25.37
N ASP A 234 3.11 0.08 -26.39
CA ASP A 234 3.72 1.39 -26.12
C ASP A 234 2.71 2.39 -25.54
N GLU A 235 1.43 2.02 -25.42
CA GLU A 235 0.45 2.84 -24.72
C GLU A 235 0.85 3.10 -23.28
N SER A 236 1.51 2.13 -22.65
CA SER A 236 1.91 2.23 -21.25
C SER A 236 3.35 2.68 -21.11
N LYS A 237 3.86 3.45 -22.09
CA LYS A 237 5.28 3.81 -22.10
C LYS A 237 5.70 4.61 -20.87
N PHE A 238 4.76 5.20 -20.12
CA PHE A 238 5.08 5.88 -18.87
C PHE A 238 4.80 5.04 -17.62
N ALA A 239 4.34 3.79 -17.77
CA ALA A 239 4.06 2.92 -16.63
C ALA A 239 5.26 2.02 -16.33
N THR A 240 5.84 2.16 -15.15
CA THR A 240 6.88 1.23 -14.75
C THR A 240 6.96 1.16 -13.23
N GLY A 241 7.28 -0.04 -12.74
CA GLY A 241 7.36 -0.28 -11.32
C GLY A 241 6.02 -0.35 -10.61
N ALA A 242 4.90 -0.43 -11.33
CA ALA A 242 3.57 -0.33 -10.75
C ALA A 242 2.87 -1.69 -10.70
N GLU A 243 1.77 -1.71 -9.94
CA GLU A 243 0.99 -2.90 -9.65
C GLU A 243 -0.39 -2.76 -10.26
N PHE A 244 -0.78 -3.73 -11.11
CA PHE A 244 -2.04 -3.64 -11.84
C PHE A 244 -2.95 -4.75 -11.34
N VAL A 245 -4.04 -4.34 -10.69
CA VAL A 245 -4.86 -5.21 -9.85
C VAL A 245 -6.21 -5.42 -10.54
N VAL A 246 -6.52 -6.67 -10.87
CA VAL A 246 -7.74 -7.00 -11.60
C VAL A 246 -8.38 -8.14 -10.79
N ASP A 247 -9.20 -7.77 -9.79
CA ASP A 247 -9.53 -8.74 -8.77
C ASP A 247 -10.99 -8.72 -8.31
N GLY A 248 -11.90 -8.09 -9.04
CA GLY A 248 -13.31 -8.10 -8.67
C GLY A 248 -13.59 -7.39 -7.36
N GLY A 249 -12.63 -6.58 -6.89
CA GLY A 249 -12.76 -5.84 -5.63
C GLY A 249 -12.16 -6.52 -4.42
N TYR A 250 -11.53 -7.69 -4.58
CA TYR A 250 -11.04 -8.47 -3.45
C TYR A 250 -10.20 -7.65 -2.46
N THR A 251 -9.19 -6.91 -2.93
CA THR A 251 -8.32 -6.18 -2.04
C THR A 251 -8.84 -4.78 -1.69
N ALA A 252 -9.96 -4.36 -2.30
CA ALA A 252 -10.51 -3.05 -2.00
C ALA A 252 -11.24 -3.02 -0.66
N GLN A 253 -11.50 -4.18 -0.07
CA GLN A 253 -12.16 -4.30 1.23
C GLN A 253 -11.20 -4.98 2.20
N THR B 3 10.67 4.57 35.00
CA THR B 3 10.80 5.73 34.13
C THR B 3 9.50 6.03 33.37
N ASP B 4 9.09 7.30 33.39
CA ASP B 4 7.89 7.76 32.70
C ASP B 4 8.18 7.94 31.21
N ARG B 5 7.41 7.23 30.36
CA ARG B 5 7.70 7.23 28.94
C ARG B 5 7.31 8.54 28.25
N LEU B 6 6.43 9.33 28.84
CA LEU B 6 6.06 10.64 28.30
C LEU B 6 6.46 11.74 29.25
N LYS B 7 7.67 11.63 29.79
CA LYS B 7 8.15 12.62 30.77
C LYS B 7 8.31 13.96 30.09
N GLY B 8 7.72 15.00 30.71
CA GLY B 8 7.77 16.34 30.19
C GLY B 8 6.78 16.66 29.09
N LYS B 9 5.97 15.70 28.64
CA LYS B 9 5.09 15.93 27.51
C LYS B 9 3.82 16.64 27.95
N VAL B 10 3.31 17.53 27.08
CA VAL B 10 2.05 18.23 27.28
C VAL B 10 1.19 17.97 26.03
N ALA B 11 0.06 17.31 26.22
CA ALA B 11 -0.73 16.78 25.11
C ALA B 11 -2.11 17.40 25.06
N ILE B 12 -2.56 17.67 23.84
CA ILE B 12 -3.97 17.91 23.52
C ILE B 12 -4.49 16.63 22.87
N VAL B 13 -5.63 16.13 23.37
CA VAL B 13 -6.29 14.95 22.82
C VAL B 13 -7.71 15.38 22.49
N THR B 14 -8.00 15.60 21.21
CA THR B 14 -9.36 15.98 20.85
C THR B 14 -10.26 14.78 20.94
N GLY B 15 -11.50 15.03 21.34
CA GLY B 15 -12.43 13.94 21.57
C GLY B 15 -11.91 12.98 22.61
N GLY B 16 -11.33 13.50 23.69
CA GLY B 16 -10.74 12.68 24.73
C GLY B 16 -11.63 12.32 25.89
N THR B 17 -12.95 12.49 25.77
CA THR B 17 -13.86 12.26 26.89
C THR B 17 -14.52 10.89 26.83
N LEU B 18 -14.35 10.14 25.74
CA LEU B 18 -14.98 8.83 25.59
C LEU B 18 -14.07 7.96 24.74
N GLY B 19 -14.26 6.64 24.91
CA GLY B 19 -13.71 5.67 23.96
C GLY B 19 -12.22 5.75 23.80
N ILE B 20 -11.77 5.73 22.54
CA ILE B 20 -10.34 5.73 22.23
C ILE B 20 -9.65 6.95 22.82
N GLY B 21 -10.26 8.14 22.65
CA GLY B 21 -9.62 9.35 23.15
C GLY B 21 -9.44 9.35 24.65
N LEU B 22 -10.44 8.84 25.39
CA LEU B 22 -10.33 8.74 26.85
C LEU B 22 -9.17 7.83 27.26
N ALA B 23 -9.03 6.68 26.59
CA ALA B 23 -7.96 5.76 26.96
C ALA B 23 -6.60 6.31 26.59
N ILE B 24 -6.50 7.05 25.47
CA ILE B 24 -5.24 7.72 25.15
C ILE B 24 -4.88 8.70 26.26
N ALA B 25 -5.86 9.48 26.71
CA ALA B 25 -5.64 10.40 27.82
C ALA B 25 -5.18 9.65 29.08
N ASP B 26 -5.87 8.57 29.42
CA ASP B 26 -5.56 7.82 30.63
C ASP B 26 -4.12 7.34 30.63
N LYS B 27 -3.70 6.65 29.57
CA LYS B 27 -2.34 6.14 29.51
C LYS B 27 -1.31 7.25 29.29
N PHE B 28 -1.71 8.38 28.71
CA PHE B 28 -0.78 9.50 28.60
C PHE B 28 -0.42 10.05 29.98
N VAL B 29 -1.42 10.25 30.84
CA VAL B 29 -1.15 10.70 32.21
C VAL B 29 -0.35 9.66 32.98
N GLU B 30 -0.72 8.38 32.82
CA GLU B 30 0.00 7.29 33.48
C GLU B 30 1.49 7.32 33.16
N GLU B 31 1.86 7.71 31.94
CA GLU B 31 3.26 7.76 31.53
C GLU B 31 3.88 9.14 31.69
N GLY B 32 3.25 10.03 32.44
CA GLY B 32 3.89 11.26 32.85
C GLY B 32 3.47 12.51 32.11
N ALA B 33 2.48 12.44 31.23
CA ALA B 33 2.11 13.60 30.41
C ALA B 33 1.06 14.45 31.11
N LYS B 34 1.19 15.77 30.96
CA LYS B 34 0.09 16.69 31.18
C LYS B 34 -0.83 16.64 29.95
N VAL B 35 -2.13 16.65 30.19
CA VAL B 35 -3.10 16.33 29.15
C VAL B 35 -4.30 17.28 29.22
N VAL B 36 -4.66 17.87 28.08
CA VAL B 36 -5.97 18.52 27.92
C VAL B 36 -6.79 17.67 26.96
N ILE B 37 -7.96 17.24 27.40
CA ILE B 37 -8.90 16.53 26.55
C ILE B 37 -9.99 17.52 26.15
N THR B 38 -10.53 17.34 24.94
CA THR B 38 -11.63 18.15 24.47
C THR B 38 -12.83 17.28 24.16
N GLY B 39 -13.98 17.93 24.06
CA GLY B 39 -15.21 17.33 23.62
C GLY B 39 -16.25 18.42 23.54
N ARG B 40 -17.42 18.07 23.02
CA ARG B 40 -18.48 19.07 22.87
C ARG B 40 -19.37 19.19 24.11
N HIS B 41 -19.53 18.12 24.87
CA HIS B 41 -20.48 18.10 25.99
C HIS B 41 -19.72 18.27 27.29
N ALA B 42 -20.11 19.28 28.06
CA ALA B 42 -19.32 19.71 29.22
C ALA B 42 -19.44 18.76 30.41
N ASP B 43 -20.65 18.27 30.70
CA ASP B 43 -20.82 17.31 31.79
C ASP B 43 -19.95 16.08 31.57
N VAL B 44 -20.14 15.43 30.42
CA VAL B 44 -19.32 14.29 30.04
C VAL B 44 -17.84 14.62 30.20
N GLY B 45 -17.44 15.80 29.72
CA GLY B 45 -16.03 16.15 29.70
C GLY B 45 -15.45 16.33 31.09
N GLU B 46 -16.18 16.98 32.01
CA GLU B 46 -15.62 17.21 33.33
C GLU B 46 -15.53 15.91 34.13
N LYS B 47 -16.55 15.06 34.03
CA LYS B 47 -16.50 13.75 34.67
C LYS B 47 -15.36 12.90 34.12
N ALA B 48 -15.22 12.88 32.79
CA ALA B 48 -14.12 12.15 32.15
C ALA B 48 -12.77 12.59 32.69
N ALA B 49 -12.54 13.89 32.78
CA ALA B 49 -11.25 14.39 33.22
C ALA B 49 -10.93 13.97 34.65
N LYS B 50 -11.90 14.13 35.57
CA LYS B 50 -11.63 13.81 36.97
C LYS B 50 -11.49 12.30 37.17
N SER B 51 -12.12 11.49 36.32
CA SER B 51 -11.97 10.03 36.40
C SER B 51 -10.54 9.58 36.14
N ILE B 52 -9.68 10.44 35.61
CA ILE B 52 -8.30 10.09 35.34
C ILE B 52 -7.36 10.73 36.36
N GLY B 53 -7.66 11.95 36.78
CA GLY B 53 -6.78 12.63 37.72
C GLY B 53 -7.29 14.01 38.01
N GLY B 54 -6.45 14.77 38.73
CA GLY B 54 -6.78 16.13 39.09
C GLY B 54 -6.26 17.14 38.09
N THR B 55 -6.46 18.41 38.42
CA THR B 55 -6.09 19.52 37.55
C THR B 55 -4.59 19.68 37.42
N ASP B 56 -3.80 19.00 38.24
CA ASP B 56 -2.35 19.05 38.09
C ASP B 56 -1.86 18.22 36.90
N VAL B 57 -2.69 17.31 36.37
CA VAL B 57 -2.25 16.45 35.28
C VAL B 57 -3.19 16.48 34.07
N ILE B 58 -4.49 16.65 34.29
CA ILE B 58 -5.46 16.51 33.21
C ILE B 58 -6.60 17.51 33.39
N ARG B 59 -7.06 18.10 32.28
CA ARG B 59 -8.11 19.10 32.32
C ARG B 59 -8.97 19.00 31.07
N PHE B 60 -10.24 19.38 31.22
CA PHE B 60 -11.21 19.35 30.11
C PHE B 60 -11.40 20.75 29.54
N VAL B 61 -11.45 20.83 28.23
CA VAL B 61 -11.76 22.07 27.52
C VAL B 61 -12.84 21.76 26.51
N GLN B 62 -13.97 22.48 26.61
CA GLN B 62 -15.05 22.34 25.64
C GLN B 62 -14.62 22.99 24.33
N HIS B 63 -14.45 22.18 23.30
CA HIS B 63 -14.04 22.70 22.00
C HIS B 63 -14.52 21.75 20.93
N ASP B 64 -15.31 22.25 19.99
CA ASP B 64 -15.61 21.48 18.79
C ASP B 64 -14.39 21.50 17.88
N ALA B 65 -13.93 20.31 17.46
CA ALA B 65 -12.72 20.26 16.65
C ALA B 65 -12.88 20.98 15.32
N SER B 66 -14.13 21.18 14.86
CA SER B 66 -14.35 21.90 13.62
C SER B 66 -14.36 23.41 13.78
N ASP B 67 -14.23 23.92 15.00
CA ASP B 67 -14.26 25.36 15.29
C ASP B 67 -12.83 25.88 15.14
N GLU B 68 -12.55 26.51 13.98
CA GLU B 68 -11.18 26.94 13.67
C GLU B 68 -10.65 27.91 14.71
N ALA B 69 -11.41 28.97 15.02
CA ALA B 69 -10.93 30.00 15.95
C ALA B 69 -10.65 29.42 17.34
N GLY B 70 -11.49 28.48 17.79
CA GLY B 70 -11.30 27.90 19.11
C GLY B 70 -9.99 27.16 19.27
N TRP B 71 -9.34 26.79 18.16
CA TRP B 71 -8.11 26.03 18.27
C TRP B 71 -6.99 26.88 18.86
N THR B 72 -6.91 28.15 18.52
CA THR B 72 -5.87 28.98 19.11
C THR B 72 -6.10 29.18 20.61
N LYS B 73 -7.36 29.35 21.02
CA LYS B 73 -7.65 29.43 22.45
C LYS B 73 -7.27 28.13 23.15
N LEU B 74 -7.50 26.99 22.49
CA LEU B 74 -7.20 25.70 23.09
C LEU B 74 -5.72 25.56 23.40
N PHE B 75 -4.86 25.95 22.46
CA PHE B 75 -3.42 25.91 22.70
C PHE B 75 -3.03 26.90 23.80
N ASP B 76 -3.59 28.11 23.75
CA ASP B 76 -3.30 29.13 24.77
C ASP B 76 -3.67 28.62 26.16
N THR B 77 -4.89 28.08 26.30
CA THR B 77 -5.33 27.55 27.58
C THR B 77 -4.44 26.39 28.03
N THR B 78 -4.07 25.49 27.10
CA THR B 78 -3.26 24.35 27.47
C THR B 78 -1.87 24.79 27.92
N GLU B 79 -1.31 25.80 27.25
CA GLU B 79 0.02 26.28 27.60
C GLU B 79 0.00 27.06 28.91
N GLU B 80 -1.11 27.75 29.19
CA GLU B 80 -1.28 28.41 30.47
C GLU B 80 -1.20 27.41 31.61
N ALA B 81 -1.92 26.29 31.50
CA ALA B 81 -2.02 25.34 32.61
C ALA B 81 -0.74 24.52 32.76
N PHE B 82 -0.15 24.08 31.66
CA PHE B 82 0.90 23.06 31.71
C PHE B 82 2.18 23.42 31.00
N GLY B 83 2.23 24.52 30.26
CA GLY B 83 3.40 24.87 29.50
C GLY B 83 3.26 24.49 28.04
N PRO B 84 4.32 24.71 27.26
CA PRO B 84 4.26 24.51 25.81
C PRO B 84 3.70 23.13 25.43
N VAL B 85 2.79 23.13 24.47
CA VAL B 85 2.25 21.88 23.95
C VAL B 85 3.35 21.15 23.17
N THR B 86 3.49 19.85 23.45
CA THR B 86 4.46 19.02 22.75
C THR B 86 3.81 17.99 21.84
N THR B 87 2.50 17.76 22.00
CA THR B 87 1.88 16.56 21.44
C THR B 87 0.42 16.84 21.14
N VAL B 88 0.01 16.52 19.92
CA VAL B 88 -1.37 16.74 19.47
C VAL B 88 -1.93 15.43 18.93
N VAL B 89 -3.04 14.98 19.51
CA VAL B 89 -3.71 13.77 19.04
C VAL B 89 -5.05 14.21 18.46
N ASN B 90 -5.13 14.28 17.13
CA ASN B 90 -6.37 14.64 16.44
C ASN B 90 -7.25 13.41 16.35
N ASN B 91 -8.03 13.19 17.42
CA ASN B 91 -8.81 11.98 17.57
C ASN B 91 -10.31 12.20 17.39
N ALA B 92 -10.81 13.42 17.58
CA ALA B 92 -12.23 13.69 17.43
C ALA B 92 -12.71 13.26 16.05
N GLY B 93 -13.82 12.53 16.01
CA GLY B 93 -14.31 11.98 14.76
C GLY B 93 -15.71 11.43 14.89
N ILE B 94 -16.49 11.50 13.81
CA ILE B 94 -17.85 10.98 13.79
C ILE B 94 -18.02 10.06 12.58
N ALA B 95 -19.09 9.27 12.61
CA ALA B 95 -19.40 8.32 11.56
C ALA B 95 -20.76 8.63 10.96
N VAL B 96 -20.96 8.12 9.74
CA VAL B 96 -22.25 8.21 9.05
C VAL B 96 -22.44 6.89 8.31
N SER B 97 -23.53 6.17 8.60
CA SER B 97 -23.73 4.87 7.98
C SER B 97 -24.51 5.02 6.69
N LYS B 98 -23.80 5.44 5.62
CA LYS B 98 -24.40 5.59 4.31
C LYS B 98 -23.40 5.22 3.23
N SER B 99 -23.85 4.49 2.21
CA SER B 99 -23.06 4.38 0.99
C SER B 99 -22.81 5.77 0.39
N VAL B 100 -21.79 5.86 -0.48
CA VAL B 100 -21.60 7.08 -1.26
C VAL B 100 -22.90 7.46 -1.96
N GLU B 101 -23.59 6.46 -2.52
CA GLU B 101 -24.81 6.71 -3.27
C GLU B 101 -25.87 7.40 -2.42
N ASP B 102 -25.99 6.95 -1.18
CA ASP B 102 -27.06 7.39 -0.27
C ASP B 102 -26.63 8.52 0.65
N THR B 103 -25.44 9.08 0.48
CA THR B 103 -24.94 10.11 1.38
C THR B 103 -25.55 11.45 1.02
N THR B 104 -26.16 12.12 2.01
CA THR B 104 -26.66 13.45 1.71
C THR B 104 -25.52 14.46 1.78
N THR B 105 -25.69 15.58 1.08
CA THR B 105 -24.63 16.56 1.09
C THR B 105 -24.45 17.15 2.48
N GLU B 106 -25.55 17.26 3.24
CA GLU B 106 -25.47 17.71 4.62
C GLU B 106 -24.61 16.77 5.46
N GLU B 107 -24.84 15.46 5.35
CA GLU B 107 -24.04 14.46 6.05
C GLU B 107 -22.59 14.52 5.61
N TRP B 108 -22.36 14.61 4.29
CA TRP B 108 -21.03 14.73 3.73
C TRP B 108 -20.27 15.88 4.37
N ARG B 109 -20.85 17.07 4.34
CA ARG B 109 -20.17 18.26 4.83
C ARG B 109 -19.98 18.20 6.33
N LYS B 110 -20.95 17.64 7.05
CA LYS B 110 -20.86 17.60 8.51
C LYS B 110 -19.72 16.68 8.94
N LEU B 111 -19.67 15.47 8.36
CA LEU B 111 -18.60 14.54 8.72
C LEU B 111 -17.23 15.08 8.33
N LEU B 112 -17.09 15.68 7.15
CA LEU B 112 -15.78 16.18 6.75
C LEU B 112 -15.34 17.37 7.61
N SER B 113 -16.28 18.19 8.10
N SER B 113 -16.29 18.19 8.08
CA SER B 113 -15.88 19.33 8.91
CA SER B 113 -15.91 19.34 8.91
C SER B 113 -15.22 18.89 10.22
C SER B 113 -15.20 18.88 10.19
N VAL B 114 -15.65 17.76 10.77
CA VAL B 114 -15.02 17.23 11.98
C VAL B 114 -13.78 16.40 11.62
N ASN B 115 -13.98 15.36 10.79
CA ASN B 115 -12.97 14.33 10.57
C ASN B 115 -11.81 14.84 9.72
N LEU B 116 -12.07 15.77 8.81
CA LEU B 116 -11.01 16.30 7.96
C LEU B 116 -10.61 17.72 8.35
N ASP B 117 -11.56 18.66 8.38
CA ASP B 117 -11.17 20.04 8.70
C ASP B 117 -10.55 20.13 10.08
N GLY B 118 -11.09 19.37 11.05
CA GLY B 118 -10.60 19.44 12.41
C GLY B 118 -9.19 18.89 12.56
N VAL B 119 -8.87 17.84 11.82
CA VAL B 119 -7.51 17.31 11.81
C VAL B 119 -6.58 18.27 11.10
N PHE B 120 -7.06 18.91 10.03
CA PHE B 120 -6.25 19.93 9.37
C PHE B 120 -5.96 21.09 10.30
N PHE B 121 -6.99 21.59 10.97
CA PHE B 121 -6.81 22.73 11.89
C PHE B 121 -5.81 22.38 12.99
N GLY B 122 -5.94 21.19 13.58
CA GLY B 122 -5.03 20.78 14.64
C GLY B 122 -3.62 20.53 14.16
N THR B 123 -3.45 20.00 12.94
CA THR B 123 -2.11 19.76 12.42
C THR B 123 -1.42 21.06 12.01
N ARG B 124 -2.14 21.93 11.28
CA ARG B 124 -1.57 23.21 10.88
C ARG B 124 -1.18 24.03 12.10
N LEU B 125 -2.07 24.15 13.08
CA LEU B 125 -1.74 24.94 14.26
C LEU B 125 -0.64 24.27 15.09
N GLY B 126 -0.72 22.95 15.23
CA GLY B 126 0.30 22.22 15.95
C GLY B 126 1.69 22.40 15.38
N ILE B 127 1.81 22.45 14.05
CA ILE B 127 3.12 22.70 13.46
C ILE B 127 3.62 24.08 13.82
N GLN B 128 2.75 25.09 13.65
CA GLN B 128 3.13 26.47 13.95
C GLN B 128 3.55 26.64 15.40
N ARG B 129 2.80 26.05 16.34
CA ARG B 129 3.07 26.33 17.75
C ARG B 129 4.19 25.47 18.33
N MET B 130 4.56 24.36 17.68
CA MET B 130 5.50 23.42 18.27
C MET B 130 6.85 23.31 17.55
N LYS B 131 6.98 23.85 16.35
CA LYS B 131 8.23 23.72 15.63
C LYS B 131 9.35 24.51 16.31
N ASN B 132 10.57 23.99 16.17
CA ASN B 132 11.79 24.73 16.51
C ASN B 132 11.85 25.10 17.99
N LYS B 133 11.36 24.19 18.84
CA LYS B 133 11.42 24.40 20.28
C LYS B 133 12.08 23.24 21.02
N GLY B 134 12.65 22.27 20.30
CA GLY B 134 13.31 21.15 20.96
C GLY B 134 12.41 20.36 21.88
N LEU B 135 11.12 20.28 21.57
CA LEU B 135 10.14 19.59 22.41
C LEU B 135 10.01 18.11 22.10
N GLY B 136 10.59 17.63 21.01
CA GLY B 136 10.28 16.28 20.55
C GLY B 136 8.80 16.18 20.21
N ALA B 137 8.32 17.15 19.43
CA ALA B 137 6.89 17.29 19.22
C ALA B 137 6.37 16.16 18.32
N SER B 138 5.12 15.78 18.57
CA SER B 138 4.55 14.66 17.83
C SER B 138 3.07 14.92 17.61
N ILE B 139 2.65 14.87 16.34
CA ILE B 139 1.26 14.98 15.97
C ILE B 139 0.79 13.60 15.53
N ILE B 140 -0.21 13.08 16.21
CA ILE B 140 -0.75 11.75 15.95
C ILE B 140 -2.17 11.95 15.41
N ASN B 141 -2.37 11.66 14.12
CA ASN B 141 -3.66 11.86 13.47
C ASN B 141 -4.40 10.54 13.38
N MET B 142 -5.61 10.51 13.91
CA MET B 142 -6.39 9.28 13.99
C MET B 142 -7.09 9.04 12.66
N SER B 143 -6.53 8.12 11.88
CA SER B 143 -7.18 7.64 10.69
C SER B 143 -7.98 6.41 11.08
N SER B 144 -7.92 5.39 10.27
CA SER B 144 -8.72 4.20 10.52
C SER B 144 -8.24 3.16 9.53
N ILE B 145 -8.65 1.91 9.75
CA ILE B 145 -8.51 0.98 8.63
C ILE B 145 -9.31 1.45 7.44
N GLU B 146 -10.35 2.28 7.67
CA GLU B 146 -11.17 2.87 6.63
C GLU B 146 -10.46 4.01 5.91
N GLY B 147 -9.21 4.29 6.26
CA GLY B 147 -8.32 5.06 5.42
C GLY B 147 -7.45 4.18 4.54
N LEU B 148 -7.58 2.86 4.69
CA LEU B 148 -6.77 1.87 3.96
C LEU B 148 -7.59 1.03 3.03
N VAL B 149 -8.77 0.63 3.47
CA VAL B 149 -9.71 -0.14 2.68
C VAL B 149 -11.03 0.62 2.65
N GLY B 150 -11.86 0.29 1.67
CA GLY B 150 -13.20 0.84 1.62
C GLY B 150 -14.20 0.02 2.43
N ASP B 151 -15.33 0.65 2.72
CA ASP B 151 -16.46 -0.05 3.31
C ASP B 151 -17.68 0.46 2.56
N PRO B 152 -18.55 -0.42 2.07
CA PRO B 152 -19.64 0.02 1.20
C PRO B 152 -20.65 0.95 1.88
N THR B 153 -20.70 0.98 3.23
CA THR B 153 -21.68 1.81 3.94
C THR B 153 -21.01 2.91 4.76
N GLN B 154 -19.77 3.28 4.42
CA GLN B 154 -19.07 4.36 5.13
C GLN B 154 -18.36 5.27 4.13
N GLY B 155 -19.07 5.73 3.12
CA GLY B 155 -18.41 6.45 2.02
C GLY B 155 -17.76 7.76 2.44
N ALA B 156 -18.51 8.61 3.15
CA ALA B 156 -17.94 9.88 3.60
C ALA B 156 -16.81 9.65 4.60
N TYR B 157 -17.01 8.70 5.51
CA TYR B 157 -15.98 8.33 6.47
C TYR B 157 -14.71 7.89 5.76
N ASN B 158 -14.84 7.00 4.77
CA ASN B 158 -13.70 6.59 3.95
C ASN B 158 -12.99 7.79 3.35
N ALA B 159 -13.73 8.73 2.74
CA ALA B 159 -13.10 9.92 2.20
C ALA B 159 -12.26 10.63 3.26
N SER B 160 -12.81 10.80 4.46
CA SER B 160 -12.13 11.62 5.46
C SER B 160 -10.88 10.92 5.98
N LYS B 161 -10.95 9.61 6.17
CA LYS B 161 -9.80 8.91 6.75
C LYS B 161 -8.67 8.74 5.73
N GLY B 162 -9.00 8.61 4.44
CA GLY B 162 -7.97 8.60 3.42
C GLY B 162 -7.33 9.96 3.24
N ALA B 163 -8.13 11.04 3.36
CA ALA B 163 -7.58 12.39 3.35
C ALA B 163 -6.59 12.57 4.49
N VAL B 164 -6.99 12.16 5.70
CA VAL B 164 -6.11 12.28 6.86
C VAL B 164 -4.84 11.47 6.64
N ARG B 165 -4.96 10.27 6.06
CA ARG B 165 -3.80 9.42 5.79
C ARG B 165 -2.70 10.16 5.03
N ILE B 166 -3.04 10.83 3.92
CA ILE B 166 -2.02 11.37 3.01
C ILE B 166 -1.67 12.81 3.37
N MET B 167 -2.66 13.58 3.81
CA MET B 167 -2.36 14.92 4.32
C MET B 167 -1.30 14.85 5.41
N SER B 168 -1.37 13.80 6.25
CA SER B 168 -0.40 13.65 7.34
C SER B 168 1.00 13.43 6.80
N LYS B 169 1.14 12.70 5.69
CA LYS B 169 2.46 12.53 5.10
C LYS B 169 3.04 13.85 4.60
N SER B 170 2.20 14.68 3.96
CA SER B 170 2.67 16.02 3.55
C SER B 170 3.25 16.77 4.72
N ALA B 171 2.52 16.80 5.83
CA ALA B 171 2.95 17.55 7.01
C ALA B 171 4.22 16.94 7.58
N ALA B 172 4.27 15.61 7.65
CA ALA B 172 5.46 14.92 8.13
C ALA B 172 6.67 15.32 7.31
N LEU B 173 6.54 15.29 5.98
CA LEU B 173 7.68 15.58 5.12
C LEU B 173 8.15 17.01 5.30
N ASP B 174 7.21 17.97 5.29
CA ASP B 174 7.60 19.36 5.45
C ASP B 174 8.36 19.56 6.75
N CYS B 175 7.85 19.02 7.86
CA CYS B 175 8.49 19.19 9.15
C CYS B 175 9.89 18.57 9.17
N ALA B 176 10.04 17.40 8.54
CA ALA B 176 11.35 16.74 8.52
C ALA B 176 12.35 17.52 7.68
N LEU B 177 11.97 17.91 6.46
CA LEU B 177 12.86 18.63 5.56
C LEU B 177 13.24 19.99 6.13
N LYS B 178 12.41 20.57 6.99
CA LYS B 178 12.68 21.88 7.57
C LYS B 178 13.30 21.81 8.96
N ASP B 179 13.64 20.60 9.42
CA ASP B 179 14.20 20.38 10.76
C ASP B 179 13.39 21.06 11.85
N TYR B 180 12.06 20.94 11.74
CA TYR B 180 11.15 21.55 12.71
C TYR B 180 11.13 20.84 14.07
N ASP B 181 11.70 19.63 14.19
CA ASP B 181 11.55 18.81 15.39
C ASP B 181 10.07 18.55 15.69
N VAL B 182 9.33 18.20 14.64
CA VAL B 182 7.93 17.82 14.75
C VAL B 182 7.73 16.60 13.85
N ARG B 183 7.18 15.53 14.42
CA ARG B 183 6.87 14.32 13.66
C ARG B 183 5.36 14.22 13.49
N VAL B 184 4.93 13.53 12.44
CA VAL B 184 3.51 13.39 12.14
C VAL B 184 3.29 11.96 11.65
N ASN B 185 2.39 11.23 12.28
CA ASN B 185 2.07 9.86 11.89
C ASN B 185 0.58 9.65 12.01
N THR B 186 0.08 8.59 11.37
CA THR B 186 -1.32 8.24 11.48
C THR B 186 -1.48 6.88 12.17
N VAL B 187 -2.56 6.78 12.95
CA VAL B 187 -2.94 5.53 13.60
C VAL B 187 -4.20 5.04 12.91
N HIS B 188 -4.28 3.73 12.68
CA HIS B 188 -5.36 3.12 11.90
C HIS B 188 -5.94 1.98 12.73
N PRO B 189 -6.83 2.29 13.67
CA PRO B 189 -7.49 1.20 14.41
C PRO B 189 -8.43 0.40 13.51
N GLY B 190 -8.45 -0.91 13.73
CA GLY B 190 -9.57 -1.74 13.31
C GLY B 190 -10.77 -1.46 14.23
N PRO B 191 -11.75 -2.35 14.23
CA PRO B 191 -12.92 -2.12 15.09
C PRO B 191 -12.54 -2.19 16.57
N ILE B 192 -13.00 -1.20 17.33
CA ILE B 192 -12.68 -1.06 18.75
C ILE B 192 -13.99 -0.87 19.51
N LYS B 193 -14.15 -1.58 20.63
CA LYS B 193 -15.36 -1.43 21.43
C LYS B 193 -15.36 -0.05 22.06
N THR B 194 -16.24 0.85 21.56
CA THR B 194 -16.37 2.24 22.03
C THR B 194 -17.86 2.62 22.00
N PRO B 195 -18.24 3.76 22.60
CA PRO B 195 -19.60 4.25 22.37
C PRO B 195 -19.96 4.34 20.89
N LEU B 196 -19.02 4.79 20.04
CA LEU B 196 -19.24 4.82 18.59
C LEU B 196 -19.76 3.48 18.09
N VAL B 197 -19.09 2.38 18.48
CA VAL B 197 -19.51 1.06 18.04
C VAL B 197 -20.67 0.54 18.90
N ASP B 198 -20.68 0.84 20.20
CA ASP B 198 -21.76 0.37 21.07
C ASP B 198 -23.11 0.89 20.60
N ASP B 199 -23.16 2.13 20.11
CA ASP B 199 -24.44 2.72 19.70
C ASP B 199 -24.88 2.25 18.33
N ALA B 200 -24.04 1.53 17.59
CA ALA B 200 -24.41 0.93 16.32
C ALA B 200 -24.89 -0.50 16.60
N GLU B 201 -26.19 -0.73 16.46
CA GLU B 201 -26.78 -2.01 16.80
C GLU B 201 -26.19 -3.13 15.94
N GLY B 202 -25.74 -4.21 16.59
CA GLY B 202 -25.17 -5.34 15.89
C GLY B 202 -23.83 -5.09 15.25
N ALA B 203 -23.17 -3.95 15.54
CA ALA B 203 -21.90 -3.66 14.92
C ALA B 203 -20.80 -4.60 15.43
N GLU B 204 -20.74 -4.83 16.74
CA GLU B 204 -19.66 -5.66 17.29
C GLU B 204 -19.78 -7.11 16.83
N GLU B 205 -21.00 -7.68 16.85
CA GLU B 205 -21.18 -9.03 16.34
C GLU B 205 -20.76 -9.12 14.88
N PHE B 206 -21.16 -8.11 14.09
CA PHE B 206 -20.85 -8.11 12.66
C PHE B 206 -19.34 -8.06 12.43
N PHE B 207 -18.64 -7.15 13.12
CA PHE B 207 -17.21 -7.01 12.90
C PHE B 207 -16.40 -8.04 13.67
N SER B 208 -17.03 -8.83 14.53
CA SER B 208 -16.35 -9.97 15.13
C SER B 208 -16.33 -11.19 14.23
N GLN B 209 -17.10 -11.18 13.14
CA GLN B 209 -17.01 -12.26 12.17
C GLN B 209 -15.58 -12.42 11.68
N ARG B 210 -15.16 -13.69 11.52
CA ARG B 210 -13.79 -13.97 11.09
C ARG B 210 -13.48 -13.33 9.75
N THR B 211 -14.46 -13.26 8.85
CA THR B 211 -14.26 -12.61 7.55
C THR B 211 -14.01 -11.11 7.68
N LYS B 212 -14.32 -10.52 8.83
CA LYS B 212 -14.00 -9.12 9.09
C LYS B 212 -12.73 -9.02 9.91
N THR B 213 -12.79 -9.42 11.18
CA THR B 213 -11.62 -9.36 12.05
C THR B 213 -11.11 -10.77 12.31
N PRO B 214 -9.99 -11.18 11.71
CA PRO B 214 -9.48 -12.55 11.87
C PRO B 214 -9.33 -13.02 13.31
N MET B 215 -9.12 -12.13 14.28
CA MET B 215 -9.03 -12.60 15.65
C MET B 215 -10.39 -13.00 16.22
N GLY B 216 -11.50 -12.69 15.54
CA GLY B 216 -12.82 -13.10 15.97
C GLY B 216 -13.41 -12.28 17.09
N HIS B 217 -12.86 -11.10 17.34
CA HIS B 217 -13.37 -10.18 18.34
C HIS B 217 -12.86 -8.79 17.99
N ILE B 218 -13.51 -7.77 18.52
CA ILE B 218 -13.05 -6.42 18.25
C ILE B 218 -12.07 -6.00 19.34
N GLY B 219 -11.39 -4.86 19.14
CA GLY B 219 -10.39 -4.40 20.07
C GLY B 219 -10.99 -3.58 21.22
N GLU B 220 -10.10 -3.07 22.06
CA GLU B 220 -10.43 -2.24 23.21
C GLU B 220 -9.67 -0.93 23.17
N PRO B 221 -10.21 0.13 23.78
CA PRO B 221 -9.55 1.45 23.70
C PRO B 221 -8.07 1.44 24.06
N ASN B 222 -7.69 0.63 25.05
CA ASN B 222 -6.28 0.59 25.43
C ASN B 222 -5.38 0.10 24.29
N ASP B 223 -5.89 -0.72 23.37
CA ASP B 223 -5.08 -1.16 22.23
C ASP B 223 -4.55 0.05 21.44
N ILE B 224 -5.36 1.10 21.33
CA ILE B 224 -4.94 2.27 20.57
C ILE B 224 -4.13 3.22 21.44
N ALA B 225 -4.51 3.34 22.71
CA ALA B 225 -3.74 4.14 23.65
C ALA B 225 -2.25 3.79 23.62
N TRP B 226 -1.93 2.49 23.60
CA TRP B 226 -0.52 2.12 23.76
C TRP B 226 0.32 2.46 22.54
N ILE B 227 -0.22 2.31 21.32
CA ILE B 227 0.58 2.74 20.18
C ILE B 227 0.71 4.26 20.15
N CYS B 228 -0.29 4.98 20.66
CA CYS B 228 -0.16 6.43 20.74
C CYS B 228 0.90 6.84 21.76
N VAL B 229 1.03 6.10 22.87
CA VAL B 229 2.13 6.34 23.81
C VAL B 229 3.46 6.20 23.09
N TYR B 230 3.64 5.11 22.35
CA TYR B 230 4.88 4.94 21.58
C TYR B 230 5.11 6.11 20.64
N LEU B 231 4.05 6.58 19.98
CA LEU B 231 4.21 7.64 18.98
C LEU B 231 4.45 8.99 19.63
N ALA B 232 3.82 9.25 20.79
CA ALA B 232 4.08 10.51 21.49
C ALA B 232 5.49 10.57 22.07
N SER B 233 6.05 9.42 22.46
CA SER B 233 7.31 9.42 23.18
C SER B 233 8.49 9.59 22.24
N ASP B 234 9.62 9.98 22.83
CA ASP B 234 10.88 10.05 22.09
C ASP B 234 11.37 8.68 21.65
N GLU B 235 10.73 7.59 22.09
CA GLU B 235 11.07 6.27 21.57
C GLU B 235 10.95 6.21 20.06
N SER B 236 10.01 6.96 19.48
CA SER B 236 9.70 6.91 18.06
C SER B 236 10.31 8.07 17.28
N LYS B 237 11.46 8.59 17.74
CA LYS B 237 12.04 9.80 17.18
C LYS B 237 12.44 9.66 15.72
N PHE B 238 12.50 8.44 15.18
CA PHE B 238 12.80 8.23 13.78
C PHE B 238 11.56 7.86 12.95
N ALA B 239 10.38 7.80 13.57
CA ALA B 239 9.15 7.45 12.89
C ALA B 239 8.40 8.71 12.49
N THR B 240 8.22 8.91 11.19
CA THR B 240 7.42 10.03 10.71
C THR B 240 6.84 9.70 9.35
N GLY B 241 5.65 10.22 9.09
CA GLY B 241 4.94 9.94 7.86
C GLY B 241 4.42 8.53 7.71
N ALA B 242 4.41 7.74 8.78
CA ALA B 242 4.12 6.33 8.71
C ALA B 242 2.74 6.02 9.27
N GLU B 243 2.25 4.81 8.93
CA GLU B 243 0.92 4.34 9.28
C GLU B 243 1.02 3.17 10.26
N PHE B 244 0.38 3.31 11.42
CA PHE B 244 0.46 2.29 12.47
C PHE B 244 -0.91 1.63 12.63
N VAL B 245 -0.98 0.36 12.25
CA VAL B 245 -2.24 -0.36 12.08
C VAL B 245 -2.41 -1.35 13.23
N VAL B 246 -3.48 -1.19 14.01
CA VAL B 246 -3.77 -2.04 15.16
C VAL B 246 -5.20 -2.54 14.95
N ASP B 247 -5.35 -3.68 14.25
CA ASP B 247 -6.65 -3.99 13.67
C ASP B 247 -7.02 -5.48 13.73
N GLY B 248 -6.36 -6.29 14.55
CA GLY B 248 -6.78 -7.67 14.67
C GLY B 248 -6.57 -8.49 13.42
N GLY B 249 -5.80 -7.98 12.45
CA GLY B 249 -5.58 -8.64 11.19
C GLY B 249 -6.54 -8.24 10.09
N TYR B 250 -7.41 -7.26 10.33
CA TYR B 250 -8.49 -6.89 9.41
C TYR B 250 -7.97 -6.63 7.99
N THR B 251 -7.00 -5.74 7.85
CA THR B 251 -6.48 -5.37 6.53
C THR B 251 -5.45 -6.36 5.98
N ALA B 252 -5.01 -7.33 6.78
CA ALA B 252 -4.01 -8.29 6.33
C ALA B 252 -4.59 -9.36 5.41
N GLN B 253 -5.91 -9.51 5.36
CA GLN B 253 -6.58 -10.39 4.40
C GLN B 253 -7.35 -9.58 3.35
N THR C 3 -13.28 -3.72 -32.71
CA THR C 3 -12.29 -2.75 -33.16
C THR C 3 -12.42 -1.46 -32.34
N ASP C 4 -13.59 -0.83 -32.35
CA ASP C 4 -13.85 0.28 -31.42
C ASP C 4 -13.92 -0.27 -30.01
N ARG C 5 -12.96 0.09 -29.16
CA ARG C 5 -12.91 -0.46 -27.82
C ARG C 5 -13.94 0.14 -26.88
N LEU C 6 -14.57 1.26 -27.25
CA LEU C 6 -15.61 1.91 -26.45
C LEU C 6 -16.91 2.03 -27.22
N LYS C 7 -17.21 1.05 -28.07
CA LYS C 7 -18.42 1.06 -28.87
C LYS C 7 -19.64 1.26 -27.99
N GLY C 8 -20.48 2.23 -28.35
CA GLY C 8 -21.71 2.46 -27.61
C GLY C 8 -21.57 3.20 -26.30
N LYS C 9 -20.35 3.50 -25.83
CA LYS C 9 -20.23 4.17 -24.55
C LYS C 9 -20.55 5.65 -24.68
N VAL C 10 -21.06 6.22 -23.58
CA VAL C 10 -21.39 7.64 -23.48
C VAL C 10 -20.74 8.17 -22.21
N ALA C 11 -19.75 9.06 -22.38
CA ALA C 11 -18.86 9.47 -21.31
C ALA C 11 -19.03 10.95 -20.96
N ILE C 12 -19.10 11.26 -19.66
CA ILE C 12 -18.88 12.62 -19.17
C ILE C 12 -17.42 12.70 -18.69
N VAL C 13 -16.68 13.69 -19.20
CA VAL C 13 -15.29 13.93 -18.80
C VAL C 13 -15.23 15.33 -18.20
N THR C 14 -15.12 15.45 -16.88
CA THR C 14 -15.05 16.77 -16.30
C THR C 14 -13.64 17.34 -16.46
N GLY C 15 -13.56 18.65 -16.58
CA GLY C 15 -12.29 19.26 -16.94
C GLY C 15 -11.68 18.65 -18.19
N GLY C 16 -12.48 18.53 -19.24
CA GLY C 16 -12.04 17.93 -20.49
C GLY C 16 -11.51 18.88 -21.54
N THR C 17 -11.29 20.15 -21.21
CA THR C 17 -10.91 21.13 -22.22
C THR C 17 -9.41 21.35 -22.35
N LEU C 18 -8.62 20.87 -21.38
CA LEU C 18 -7.17 21.02 -21.40
C LEU C 18 -6.52 19.76 -20.84
N GLY C 19 -5.24 19.60 -21.17
CA GLY C 19 -4.39 18.66 -20.46
C GLY C 19 -4.87 17.23 -20.55
N ILE C 20 -4.87 16.55 -19.40
CA ILE C 20 -5.21 15.13 -19.36
C ILE C 20 -6.64 14.90 -19.83
N GLY C 21 -7.58 15.70 -19.33
CA GLY C 21 -8.97 15.49 -19.67
C GLY C 21 -9.21 15.64 -21.17
N LEU C 22 -8.53 16.60 -21.79
CA LEU C 22 -8.63 16.76 -23.23
C LEU C 22 -8.19 15.50 -23.95
N ALA C 23 -7.09 14.90 -23.51
CA ALA C 23 -6.59 13.72 -24.18
C ALA C 23 -7.47 12.51 -23.89
N ILE C 24 -8.03 12.42 -22.69
CA ILE C 24 -9.01 11.39 -22.41
C ILE C 24 -10.16 11.49 -23.41
N ALA C 25 -10.71 12.71 -23.56
CA ALA C 25 -11.84 12.89 -24.47
C ALA C 25 -11.44 12.50 -25.89
N ASP C 26 -10.28 12.99 -26.34
CA ASP C 26 -9.74 12.65 -27.65
C ASP C 26 -9.77 11.14 -27.89
N LYS C 27 -9.11 10.38 -27.02
CA LYS C 27 -9.00 8.94 -27.27
C LYS C 27 -10.31 8.21 -27.01
N PHE C 28 -11.20 8.79 -26.19
CA PHE C 28 -12.52 8.21 -26.03
C PHE C 28 -13.30 8.29 -27.35
N VAL C 29 -13.31 9.47 -27.98
CA VAL C 29 -14.00 9.59 -29.27
C VAL C 29 -13.35 8.71 -30.31
N GLU C 30 -12.01 8.62 -30.28
CA GLU C 30 -11.29 7.76 -31.21
C GLU C 30 -11.72 6.30 -31.09
N GLU C 31 -12.07 5.85 -29.89
CA GLU C 31 -12.52 4.49 -29.70
C GLU C 31 -14.03 4.35 -29.75
N GLY C 32 -14.72 5.32 -30.31
CA GLY C 32 -16.16 5.21 -30.56
C GLY C 32 -17.08 5.64 -29.44
N ALA C 33 -16.57 6.25 -28.38
CA ALA C 33 -17.44 6.82 -27.36
C ALA C 33 -18.04 8.15 -27.84
N LYS C 34 -19.25 8.44 -27.37
CA LYS C 34 -19.76 9.81 -27.38
C LYS C 34 -19.36 10.46 -26.07
N VAL C 35 -18.99 11.74 -26.12
CA VAL C 35 -18.34 12.40 -24.99
C VAL C 35 -18.91 13.80 -24.80
N VAL C 36 -19.26 14.14 -23.55
CA VAL C 36 -19.42 15.53 -23.11
C VAL C 36 -18.23 15.91 -22.24
N ILE C 37 -17.54 17.02 -22.60
CA ILE C 37 -16.47 17.57 -21.79
C ILE C 37 -17.02 18.77 -21.03
N THR C 38 -16.48 19.02 -19.84
CA THR C 38 -16.83 20.20 -19.08
C THR C 38 -15.60 21.04 -18.76
N GLY C 39 -15.90 22.29 -18.42
CA GLY C 39 -14.91 23.29 -18.07
C GLY C 39 -15.64 24.56 -17.71
N ARG C 40 -14.89 25.51 -17.19
CA ARG C 40 -15.51 26.76 -16.77
C ARG C 40 -15.47 27.82 -17.86
N HIS C 41 -14.49 27.78 -18.74
CA HIS C 41 -14.31 28.81 -19.75
C HIS C 41 -14.91 28.33 -21.06
N ALA C 42 -15.94 29.05 -21.54
CA ALA C 42 -16.72 28.59 -22.67
C ALA C 42 -15.94 28.68 -23.97
N ASP C 43 -15.25 29.80 -24.19
CA ASP C 43 -14.38 29.98 -25.34
C ASP C 43 -13.45 28.79 -25.53
N VAL C 44 -12.60 28.52 -24.53
CA VAL C 44 -11.68 27.38 -24.59
C VAL C 44 -12.44 26.08 -24.81
N GLY C 45 -13.58 25.92 -24.13
CA GLY C 45 -14.28 24.65 -24.18
C GLY C 45 -14.89 24.34 -25.53
N GLU C 46 -15.50 25.34 -26.18
CA GLU C 46 -16.12 25.09 -27.49
C GLU C 46 -15.07 24.67 -28.51
N LYS C 47 -13.92 25.36 -28.53
CA LYS C 47 -12.85 24.99 -29.43
C LYS C 47 -12.32 23.60 -29.10
N ALA C 48 -12.15 23.31 -27.80
CA ALA C 48 -11.65 22.01 -27.39
C ALA C 48 -12.50 20.90 -27.97
N ALA C 49 -13.83 21.04 -27.84
CA ALA C 49 -14.74 20.06 -28.40
C ALA C 49 -14.62 20.02 -29.92
N LYS C 50 -14.61 21.18 -30.57
CA LYS C 50 -14.46 21.22 -32.02
C LYS C 50 -13.12 20.64 -32.45
N SER C 51 -12.08 20.81 -31.62
CA SER C 51 -10.77 20.29 -31.99
C SER C 51 -10.75 18.77 -32.08
N ILE C 52 -11.74 18.08 -31.53
CA ILE C 52 -11.78 16.62 -31.54
C ILE C 52 -12.82 16.09 -32.50
N GLY C 53 -13.98 16.74 -32.58
CA GLY C 53 -15.01 16.25 -33.48
C GLY C 53 -16.19 17.20 -33.47
N GLY C 54 -17.22 16.81 -34.23
CA GLY C 54 -18.44 17.58 -34.29
C GLY C 54 -19.41 17.20 -33.19
N THR C 55 -20.55 17.89 -33.19
CA THR C 55 -21.57 17.69 -32.17
C THR C 55 -22.14 16.28 -32.16
N ASP C 56 -21.81 15.46 -33.16
CA ASP C 56 -22.30 14.10 -33.23
C ASP C 56 -21.51 13.14 -32.36
N VAL C 57 -20.26 13.47 -32.05
CA VAL C 57 -19.45 12.62 -31.18
C VAL C 57 -18.97 13.30 -29.92
N ILE C 58 -19.00 14.63 -29.84
CA ILE C 58 -18.44 15.33 -28.68
C ILE C 58 -19.08 16.71 -28.58
N ARG C 59 -19.40 17.11 -27.35
CA ARG C 59 -19.96 18.42 -27.06
C ARG C 59 -19.33 18.98 -25.79
N PHE C 60 -19.38 20.30 -25.64
CA PHE C 60 -18.86 20.94 -24.44
C PHE C 60 -20.02 21.50 -23.64
N VAL C 61 -19.93 21.36 -22.31
CA VAL C 61 -20.90 21.93 -21.40
C VAL C 61 -20.13 22.71 -20.36
N GLN C 62 -20.45 23.99 -20.22
CA GLN C 62 -19.89 24.82 -19.17
C GLN C 62 -20.49 24.40 -17.83
N HIS C 63 -19.64 23.82 -16.98
CA HIS C 63 -20.08 23.36 -15.66
C HIS C 63 -18.88 23.33 -14.72
N ASP C 64 -19.07 23.88 -13.54
CA ASP C 64 -18.08 23.85 -12.46
C ASP C 64 -18.30 22.57 -11.66
N ALA C 65 -17.27 21.73 -11.56
CA ALA C 65 -17.46 20.43 -10.90
C ALA C 65 -17.90 20.57 -9.44
N SER C 66 -17.66 21.71 -8.82
CA SER C 66 -18.12 21.95 -7.45
C SER C 66 -19.57 22.38 -7.38
N ASP C 67 -20.24 22.57 -8.52
CA ASP C 67 -21.63 23.02 -8.57
C ASP C 67 -22.54 21.80 -8.56
N GLU C 68 -23.15 21.54 -7.41
CA GLU C 68 -23.91 20.30 -7.22
C GLU C 68 -25.16 20.25 -8.09
N ALA C 69 -25.97 21.31 -8.07
CA ALA C 69 -27.18 21.31 -8.89
C ALA C 69 -26.86 21.12 -10.36
N GLY C 70 -25.76 21.71 -10.83
CA GLY C 70 -25.39 21.61 -12.24
C GLY C 70 -25.10 20.19 -12.70
N TRP C 71 -24.72 19.30 -11.77
CA TRP C 71 -24.45 17.92 -12.13
C TRP C 71 -25.70 17.23 -12.67
N THR C 72 -26.85 17.46 -12.03
CA THR C 72 -28.09 16.90 -12.55
C THR C 72 -28.41 17.43 -13.94
N LYS C 73 -28.23 18.73 -14.16
CA LYS C 73 -28.41 19.28 -15.51
C LYS C 73 -27.40 18.69 -16.48
N LEU C 74 -26.18 18.44 -16.02
CA LEU C 74 -25.13 17.92 -16.89
C LEU C 74 -25.45 16.51 -17.38
N PHE C 75 -25.94 15.64 -16.49
CA PHE C 75 -26.36 14.31 -16.93
C PHE C 75 -27.55 14.42 -17.88
N ASP C 76 -28.56 15.20 -17.50
CA ASP C 76 -29.74 15.41 -18.34
C ASP C 76 -29.33 15.87 -19.74
N THR C 77 -28.48 16.89 -19.82
CA THR C 77 -28.02 17.39 -21.12
C THR C 77 -27.29 16.31 -21.91
N THR C 78 -26.44 15.52 -21.24
CA THR C 78 -25.68 14.49 -21.93
C THR C 78 -26.61 13.39 -22.45
N GLU C 79 -27.60 13.00 -21.66
CA GLU C 79 -28.47 11.90 -22.08
C GLU C 79 -29.41 12.34 -23.19
N GLU C 80 -29.90 13.59 -23.12
CA GLU C 80 -30.65 14.16 -24.24
C GLU C 80 -29.85 14.06 -25.54
N ALA C 81 -28.57 14.40 -25.48
CA ALA C 81 -27.74 14.43 -26.69
C ALA C 81 -27.42 13.03 -27.18
N PHE C 82 -26.98 12.14 -26.30
CA PHE C 82 -26.36 10.89 -26.72
C PHE C 82 -27.01 9.64 -26.17
N GLY C 83 -28.02 9.77 -25.31
CA GLY C 83 -28.57 8.61 -24.63
C GLY C 83 -27.91 8.39 -23.27
N PRO C 84 -28.29 7.31 -22.60
CA PRO C 84 -27.87 7.09 -21.21
C PRO C 84 -26.35 7.09 -21.02
N VAL C 85 -25.91 7.78 -19.96
CA VAL C 85 -24.49 7.87 -19.65
C VAL C 85 -23.99 6.51 -19.17
N THR C 86 -22.84 6.08 -19.70
CA THR C 86 -22.18 4.84 -19.29
C THR C 86 -20.90 5.06 -18.50
N THR C 87 -20.32 6.25 -18.60
CA THR C 87 -18.94 6.43 -18.17
C THR C 87 -18.78 7.82 -17.62
N VAL C 88 -18.21 7.92 -16.44
CA VAL C 88 -17.99 9.21 -15.79
C VAL C 88 -16.53 9.28 -15.40
N VAL C 89 -15.84 10.31 -15.87
CA VAL C 89 -14.44 10.51 -15.56
C VAL C 89 -14.34 11.78 -14.72
N ASN C 90 -14.19 11.63 -13.41
CA ASN C 90 -14.08 12.81 -12.54
C ASN C 90 -12.64 13.28 -12.56
N ASN C 91 -12.35 14.14 -13.55
CA ASN C 91 -10.99 14.58 -13.82
C ASN C 91 -10.71 16.03 -13.44
N ALA C 92 -11.72 16.88 -13.34
CA ALA C 92 -11.49 18.27 -12.97
C ALA C 92 -10.81 18.36 -11.62
N GLY C 93 -9.74 19.15 -11.55
CA GLY C 93 -9.03 19.34 -10.29
C GLY C 93 -8.08 20.52 -10.40
N ILE C 94 -7.71 21.05 -9.24
CA ILE C 94 -6.81 22.19 -9.12
C ILE C 94 -5.76 21.92 -8.04
N ALA C 95 -4.76 22.78 -8.00
CA ALA C 95 -3.62 22.63 -7.11
C ALA C 95 -3.42 23.93 -6.33
N VAL C 96 -2.75 23.81 -5.19
CA VAL C 96 -2.37 24.96 -4.38
C VAL C 96 -0.99 24.69 -3.83
N SER C 97 -0.03 25.58 -4.12
CA SER C 97 1.36 25.30 -3.76
C SER C 97 1.65 25.86 -2.36
N LYS C 98 1.19 25.11 -1.36
CA LYS C 98 1.30 25.49 0.05
C LYS C 98 1.54 24.24 0.88
N SER C 99 2.44 24.33 1.85
CA SER C 99 2.50 23.28 2.88
C SER C 99 1.22 23.30 3.71
N VAL C 100 1.01 22.22 4.48
CA VAL C 100 -0.09 22.23 5.46
C VAL C 100 0.03 23.45 6.36
N GLU C 101 1.24 23.70 6.86
CA GLU C 101 1.48 24.79 7.80
C GLU C 101 1.05 26.13 7.22
N ASP C 102 1.24 26.33 5.91
CA ASP C 102 1.02 27.59 5.22
C ASP C 102 -0.31 27.67 4.49
N THR C 103 -1.14 26.63 4.54
CA THR C 103 -2.38 26.64 3.77
C THR C 103 -3.42 27.51 4.46
N THR C 104 -3.97 28.48 3.73
CA THR C 104 -5.06 29.25 4.32
C THR C 104 -6.34 28.45 4.27
N THR C 105 -7.23 28.73 5.21
CA THR C 105 -8.51 28.03 5.21
C THR C 105 -9.28 28.30 3.92
N GLU C 106 -9.14 29.52 3.36
CA GLU C 106 -9.73 29.82 2.06
C GLU C 106 -9.22 28.87 0.98
N GLU C 107 -7.90 28.68 0.93
CA GLU C 107 -7.29 27.78 -0.06
C GLU C 107 -7.74 26.33 0.16
N TRP C 108 -7.76 25.90 1.41
CA TRP C 108 -8.21 24.56 1.79
C TRP C 108 -9.60 24.27 1.24
N ARG C 109 -10.56 25.13 1.61
CA ARG C 109 -11.95 24.92 1.22
C ARG C 109 -12.11 25.00 -0.28
N LYS C 110 -11.39 25.91 -0.94
CA LYS C 110 -11.53 26.03 -2.39
C LYS C 110 -11.05 24.78 -3.10
N LEU C 111 -9.85 24.29 -2.75
CA LEU C 111 -9.30 23.10 -3.41
C LEU C 111 -10.18 21.89 -3.18
N LEU C 112 -10.67 21.71 -1.94
CA LEU C 112 -11.49 20.54 -1.64
C LEU C 112 -12.86 20.60 -2.32
N SER C 113 -13.40 21.81 -2.52
CA SER C 113 -14.69 21.91 -3.20
C SER C 113 -14.61 21.34 -4.61
N VAL C 114 -13.49 21.55 -5.31
CA VAL C 114 -13.34 20.99 -6.66
C VAL C 114 -12.84 19.55 -6.59
N ASN C 115 -11.70 19.34 -5.92
CA ASN C 115 -10.98 18.07 -6.01
C ASN C 115 -11.73 16.94 -5.30
N LEU C 116 -12.46 17.26 -4.23
CA LEU C 116 -13.15 16.25 -3.42
C LEU C 116 -14.66 16.30 -3.58
N ASP C 117 -15.28 17.45 -3.33
CA ASP C 117 -16.73 17.54 -3.53
C ASP C 117 -17.12 17.21 -4.97
N GLY C 118 -16.35 17.71 -5.94
CA GLY C 118 -16.67 17.46 -7.33
C GLY C 118 -16.69 15.99 -7.68
N VAL C 119 -15.70 15.25 -7.18
CA VAL C 119 -15.66 13.80 -7.41
C VAL C 119 -16.78 13.10 -6.65
N PHE C 120 -17.08 13.56 -5.44
CA PHE C 120 -18.21 13.00 -4.70
C PHE C 120 -19.52 13.20 -5.46
N PHE C 121 -19.77 14.43 -5.93
CA PHE C 121 -21.02 14.69 -6.65
C PHE C 121 -21.11 13.83 -7.89
N GLY C 122 -20.01 13.73 -8.64
CA GLY C 122 -20.02 12.95 -9.87
C GLY C 122 -20.18 11.46 -9.62
N THR C 123 -19.46 10.94 -8.62
CA THR C 123 -19.60 9.52 -8.29
C THR C 123 -21.00 9.20 -7.77
N ARG C 124 -21.51 10.01 -6.83
CA ARG C 124 -22.82 9.70 -6.25
C ARG C 124 -23.89 9.72 -7.32
N LEU C 125 -23.94 10.78 -8.12
CA LEU C 125 -24.95 10.85 -9.18
C LEU C 125 -24.70 9.75 -10.21
N GLY C 126 -23.45 9.52 -10.59
CA GLY C 126 -23.14 8.47 -11.55
C GLY C 126 -23.68 7.11 -11.13
N ILE C 127 -23.53 6.75 -9.86
CA ILE C 127 -24.08 5.49 -9.39
C ILE C 127 -25.60 5.50 -9.54
N GLN C 128 -26.23 6.57 -9.07
CA GLN C 128 -27.68 6.67 -9.15
C GLN C 128 -28.19 6.57 -10.59
N ARG C 129 -27.48 7.21 -11.53
CA ARG C 129 -28.00 7.32 -12.89
C ARG C 129 -27.61 6.16 -13.79
N MET C 130 -26.59 5.38 -13.42
CA MET C 130 -26.08 4.34 -14.31
C MET C 130 -26.33 2.93 -13.81
N LYS C 131 -26.71 2.76 -12.55
CA LYS C 131 -26.87 1.43 -11.99
C LYS C 131 -28.02 0.66 -12.63
N ASN C 132 -27.87 -0.66 -12.67
CA ASN C 132 -28.97 -1.56 -13.00
C ASN C 132 -29.53 -1.35 -14.40
N LYS C 133 -28.70 -0.89 -15.34
CA LYS C 133 -29.16 -0.64 -16.70
C LYS C 133 -28.36 -1.40 -17.75
N GLY C 134 -27.58 -2.40 -17.34
CA GLY C 134 -26.82 -3.21 -18.27
C GLY C 134 -25.85 -2.45 -19.15
N LEU C 135 -25.34 -1.32 -18.65
CA LEU C 135 -24.52 -0.42 -19.46
C LEU C 135 -23.03 -0.74 -19.39
N GLY C 136 -22.61 -1.66 -18.53
CA GLY C 136 -21.17 -1.85 -18.36
C GLY C 136 -20.58 -0.54 -17.88
N ALA C 137 -21.22 0.05 -16.88
CA ALA C 137 -20.87 1.40 -16.48
C ALA C 137 -19.54 1.43 -15.75
N SER C 138 -18.85 2.57 -15.88
CA SER C 138 -17.52 2.74 -15.32
C SER C 138 -17.35 4.17 -14.85
N ILE C 139 -16.99 4.33 -13.59
CA ILE C 139 -16.62 5.62 -13.00
C ILE C 139 -15.12 5.63 -12.77
N ILE C 140 -14.43 6.61 -13.37
CA ILE C 140 -12.98 6.69 -13.32
C ILE C 140 -12.66 7.99 -12.60
N ASN C 141 -12.09 7.88 -11.40
CA ASN C 141 -11.82 9.04 -10.56
C ASN C 141 -10.33 9.36 -10.59
N MET C 142 -10.00 10.62 -10.90
CA MET C 142 -8.61 11.02 -11.10
C MET C 142 -8.02 11.35 -9.74
N SER C 143 -7.17 10.47 -9.24
CA SER C 143 -6.38 10.77 -8.06
C SER C 143 -5.01 11.26 -8.53
N SER C 144 -3.90 10.81 -7.97
CA SER C 144 -2.57 11.27 -8.30
C SER C 144 -1.63 10.33 -7.55
N ILE C 145 -0.35 10.32 -7.95
CA ILE C 145 0.65 9.81 -7.02
C ILE C 145 0.57 10.57 -5.71
N GLU C 146 0.02 11.79 -5.72
CA GLU C 146 -0.14 12.53 -4.47
C GLU C 146 -1.32 12.04 -3.66
N GLY C 147 -1.98 10.97 -4.07
CA GLY C 147 -2.92 10.27 -3.25
C GLY C 147 -2.29 9.07 -2.59
N LEU C 148 -1.00 8.82 -2.87
CA LEU C 148 -0.21 7.66 -2.44
C LEU C 148 0.98 8.04 -1.58
N VAL C 149 1.66 9.14 -1.94
CA VAL C 149 2.79 9.65 -1.18
C VAL C 149 2.51 11.12 -0.88
N GLY C 150 3.15 11.63 0.16
CA GLY C 150 3.01 13.03 0.49
C GLY C 150 3.93 13.92 -0.33
N ASP C 151 3.55 15.20 -0.39
CA ASP C 151 4.42 16.24 -0.89
C ASP C 151 4.45 17.38 0.11
N PRO C 152 5.63 17.89 0.49
CA PRO C 152 5.67 18.92 1.53
C PRO C 152 5.00 20.22 1.15
N THR C 153 4.82 20.51 -0.14
CA THR C 153 4.26 21.78 -0.59
C THR C 153 2.91 21.63 -1.28
N GLN C 154 2.19 20.53 -1.04
N GLN C 154 2.20 20.53 -1.00
CA GLN C 154 0.86 20.36 -1.62
CA GLN C 154 0.91 20.21 -1.62
C GLN C 154 -0.08 19.71 -0.60
C GLN C 154 -0.06 19.65 -0.57
N GLY C 155 -0.15 20.30 0.59
CA GLY C 155 -0.91 19.68 1.69
C GLY C 155 -2.40 19.44 1.40
N ALA C 156 -3.11 20.48 0.96
CA ALA C 156 -4.53 20.33 0.66
C ALA C 156 -4.72 19.38 -0.51
N TYR C 157 -3.84 19.48 -1.49
CA TYR C 157 -3.92 18.60 -2.65
C TYR C 157 -3.78 17.14 -2.24
N ASN C 158 -2.78 16.83 -1.38
CA ASN C 158 -2.61 15.47 -0.84
C ASN C 158 -3.89 15.00 -0.15
N ALA C 159 -4.45 15.85 0.71
CA ALA C 159 -5.71 15.50 1.37
C ALA C 159 -6.77 15.10 0.36
N SER C 160 -6.96 15.92 -0.67
CA SER C 160 -8.01 15.67 -1.65
C SER C 160 -7.79 14.36 -2.38
N LYS C 161 -6.54 14.07 -2.78
CA LYS C 161 -6.27 12.90 -3.60
C LYS C 161 -6.30 11.63 -2.76
N GLY C 162 -5.94 11.72 -1.48
CA GLY C 162 -6.13 10.58 -0.59
C GLY C 162 -7.59 10.29 -0.36
N ALA C 163 -8.41 11.34 -0.15
CA ALA C 163 -9.85 11.15 -0.02
C ALA C 163 -10.42 10.45 -1.25
N VAL C 164 -10.08 10.92 -2.46
CA VAL C 164 -10.58 10.30 -3.69
C VAL C 164 -10.17 8.82 -3.78
N ARG C 165 -8.94 8.51 -3.38
CA ARG C 165 -8.44 7.13 -3.42
C ARG C 165 -9.35 6.18 -2.66
N ILE C 166 -9.72 6.53 -1.41
CA ILE C 166 -10.43 5.59 -0.55
C ILE C 166 -11.96 5.68 -0.69
N MET C 167 -12.50 6.90 -0.89
CA MET C 167 -13.92 7.02 -1.24
C MET C 167 -14.29 6.18 -2.45
N SER C 168 -13.41 6.16 -3.47
CA SER C 168 -13.69 5.36 -4.67
C SER C 168 -13.80 3.88 -4.35
N LYS C 169 -13.01 3.39 -3.38
CA LYS C 169 -13.12 1.99 -3.00
C LYS C 169 -14.49 1.69 -2.36
N SER C 170 -14.95 2.57 -1.48
CA SER C 170 -16.27 2.42 -0.90
C SER C 170 -17.33 2.28 -1.99
N ALA C 171 -17.30 3.20 -2.96
CA ALA C 171 -18.26 3.17 -4.05
C ALA C 171 -18.13 1.89 -4.86
N ALA C 172 -16.89 1.45 -5.11
CA ALA C 172 -16.68 0.25 -5.91
C ALA C 172 -17.30 -0.95 -5.23
N LEU C 173 -17.10 -1.05 -3.91
CA LEU C 173 -17.58 -2.19 -3.14
C LEU C 173 -19.10 -2.22 -3.12
N ASP C 174 -19.71 -1.06 -2.89
CA ASP C 174 -21.17 -1.04 -2.79
C ASP C 174 -21.81 -1.39 -4.12
N CYS C 175 -21.27 -0.83 -5.21
CA CYS C 175 -21.74 -1.21 -6.54
C CYS C 175 -21.53 -2.69 -6.81
N ALA C 176 -20.40 -3.26 -6.39
CA ALA C 176 -20.15 -4.67 -6.64
C ALA C 176 -21.11 -5.55 -5.88
N LEU C 177 -21.30 -5.26 -4.58
CA LEU C 177 -22.12 -6.12 -3.74
C LEU C 177 -23.58 -6.09 -4.14
N LYS C 178 -24.04 -4.97 -4.65
CA LYS C 178 -25.44 -4.77 -5.06
C LYS C 178 -25.70 -5.14 -6.52
N ASP C 179 -24.70 -5.68 -7.22
CA ASP C 179 -24.84 -6.06 -8.63
C ASP C 179 -25.37 -4.90 -9.46
N TYR C 180 -24.85 -3.68 -9.20
CA TYR C 180 -25.26 -2.50 -9.94
C TYR C 180 -24.75 -2.45 -11.38
N ASP C 181 -23.77 -3.26 -11.75
CA ASP C 181 -23.08 -3.14 -13.04
C ASP C 181 -22.46 -1.76 -13.21
N VAL C 182 -21.83 -1.27 -12.13
CA VAL C 182 -21.04 -0.05 -12.15
C VAL C 182 -19.70 -0.39 -11.49
N ARG C 183 -18.60 -0.10 -12.18
CA ARG C 183 -17.28 -0.24 -11.60
C ARG C 183 -16.74 1.14 -11.23
N VAL C 184 -15.86 1.19 -10.24
CA VAL C 184 -15.26 2.46 -9.81
C VAL C 184 -13.78 2.21 -9.58
N ASN C 185 -12.92 2.97 -10.25
CA ASN C 185 -11.47 2.79 -10.09
C ASN C 185 -10.83 4.17 -10.03
N THR C 186 -9.63 4.23 -9.48
CA THR C 186 -8.88 5.48 -9.48
C THR C 186 -7.63 5.37 -10.36
N VAL C 187 -7.28 6.50 -10.96
CA VAL C 187 -6.07 6.64 -11.76
C VAL C 187 -5.14 7.58 -11.01
N HIS C 188 -3.84 7.25 -11.01
CA HIS C 188 -2.84 7.95 -10.22
C HIS C 188 -1.72 8.34 -11.15
N PRO C 189 -1.88 9.43 -11.91
CA PRO C 189 -0.77 9.93 -12.74
C PRO C 189 0.37 10.41 -11.88
N GLY C 190 1.59 10.18 -12.35
CA GLY C 190 2.72 10.98 -11.91
C GLY C 190 2.70 12.31 -12.63
N PRO C 191 3.85 12.98 -12.72
CA PRO C 191 3.89 14.27 -13.40
C PRO C 191 3.61 14.09 -14.89
N ILE C 192 2.72 14.94 -15.39
CA ILE C 192 2.28 14.92 -16.79
C ILE C 192 2.37 16.35 -17.32
N LYS C 193 2.93 16.52 -18.51
CA LYS C 193 2.99 17.85 -19.11
C LYS C 193 1.60 18.31 -19.53
N THR C 194 1.00 19.25 -18.77
CA THR C 194 -0.30 19.84 -18.98
C THR C 194 -0.18 21.32 -18.69
N PRO C 195 -1.20 22.14 -18.99
CA PRO C 195 -1.16 23.54 -18.54
C PRO C 195 -0.98 23.68 -17.03
N LEU C 196 -1.56 22.77 -16.24
CA LEU C 196 -1.36 22.80 -14.80
C LEU C 196 0.13 22.81 -14.45
N VAL C 197 0.91 21.93 -15.08
CA VAL C 197 2.33 21.88 -14.79
C VAL C 197 3.08 23.04 -15.45
N ASP C 198 2.69 23.40 -16.69
CA ASP C 198 3.40 24.46 -17.41
C ASP C 198 3.31 25.80 -16.68
N ASP C 199 2.15 26.10 -16.08
CA ASP C 199 1.97 27.37 -15.39
C ASP C 199 2.75 27.43 -14.09
N ALA C 200 3.20 26.28 -13.57
CA ALA C 200 3.96 26.22 -12.33
C ALA C 200 5.44 26.29 -12.66
N GLU C 201 6.06 27.43 -12.36
CA GLU C 201 7.40 27.71 -12.87
C GLU C 201 8.42 26.77 -12.24
N GLY C 202 9.20 26.10 -13.09
CA GLY C 202 10.22 25.19 -12.62
C GLY C 202 9.75 23.79 -12.30
N ALA C 203 8.44 23.51 -12.45
CA ALA C 203 7.87 22.24 -12.03
C ALA C 203 8.38 21.09 -12.89
N GLU C 204 8.29 21.23 -14.22
CA GLU C 204 8.73 20.14 -15.09
C GLU C 204 10.20 19.81 -14.86
N GLU C 205 11.05 20.83 -14.74
CA GLU C 205 12.46 20.59 -14.45
C GLU C 205 12.64 19.86 -13.12
N PHE C 206 11.91 20.28 -12.09
CA PHE C 206 12.05 19.69 -10.78
C PHE C 206 11.63 18.21 -10.78
N PHE C 207 10.46 17.93 -11.33
CA PHE C 207 9.97 16.56 -11.32
C PHE C 207 10.62 15.66 -12.36
N SER C 208 11.42 16.22 -13.29
CA SER C 208 12.20 15.38 -14.18
C SER C 208 13.52 14.92 -13.55
N GLN C 209 13.89 15.43 -12.38
CA GLN C 209 15.06 14.90 -11.69
C GLN C 209 14.88 13.40 -11.47
N ARG C 210 15.97 12.65 -11.69
CA ARG C 210 15.92 11.20 -11.45
C ARG C 210 15.48 10.88 -10.02
N THR C 211 15.85 11.70 -9.04
CA THR C 211 15.38 11.44 -7.67
C THR C 211 13.88 11.61 -7.52
N LYS C 212 13.21 12.23 -8.49
CA LYS C 212 11.77 12.34 -8.46
C LYS C 212 11.14 11.34 -9.43
N THR C 213 11.36 11.50 -10.74
CA THR C 213 10.81 10.55 -11.70
C THR C 213 11.94 9.73 -12.28
N PRO C 214 12.05 8.43 -11.93
CA PRO C 214 13.24 7.67 -12.35
C PRO C 214 13.46 7.65 -13.85
N MET C 215 12.41 7.82 -14.65
CA MET C 215 12.56 7.84 -16.09
C MET C 215 13.25 9.12 -16.59
N GLY C 216 13.39 10.14 -15.75
CA GLY C 216 14.12 11.34 -16.10
C GLY C 216 13.36 12.36 -16.92
N HIS C 217 12.05 12.18 -17.09
CA HIS C 217 11.16 13.11 -17.77
C HIS C 217 9.76 12.92 -17.22
N ILE C 218 8.88 13.85 -17.54
CA ILE C 218 7.50 13.70 -17.15
C ILE C 218 6.73 13.09 -18.32
N GLY C 219 5.53 12.59 -18.02
CA GLY C 219 4.69 11.99 -19.03
C GLY C 219 3.94 13.03 -19.84
N GLU C 220 3.01 12.54 -20.63
CA GLU C 220 2.18 13.34 -21.53
C GLU C 220 0.74 12.91 -21.37
N PRO C 221 -0.21 13.76 -21.76
CA PRO C 221 -1.63 13.45 -21.50
C PRO C 221 -2.09 12.11 -22.04
N ASN C 222 -1.58 11.68 -23.19
CA ASN C 222 -2.05 10.43 -23.75
C ASN C 222 -1.69 9.23 -22.89
N ASP C 223 -0.66 9.37 -22.05
CA ASP C 223 -0.32 8.29 -21.12
C ASP C 223 -1.49 8.00 -20.18
N ILE C 224 -2.17 9.04 -19.73
CA ILE C 224 -3.34 8.84 -18.90
C ILE C 224 -4.56 8.49 -19.74
N ALA C 225 -4.66 9.05 -20.95
CA ALA C 225 -5.81 8.73 -21.80
C ALA C 225 -5.93 7.22 -22.04
N TRP C 226 -4.81 6.54 -22.29
CA TRP C 226 -4.90 5.14 -22.66
C TRP C 226 -5.28 4.25 -21.48
N ILE C 227 -4.83 4.57 -20.26
CA ILE C 227 -5.31 3.76 -19.14
C ILE C 227 -6.78 4.03 -18.88
N CYS C 228 -7.25 5.25 -19.17
CA CYS C 228 -8.67 5.53 -19.01
C CYS C 228 -9.51 4.77 -20.03
N VAL C 229 -9.00 4.61 -21.25
CA VAL C 229 -9.70 3.81 -22.25
C VAL C 229 -9.88 2.37 -21.75
N TYR C 230 -8.80 1.78 -21.24
CA TYR C 230 -8.88 0.44 -20.67
C TYR C 230 -9.96 0.38 -19.58
N LEU C 231 -9.94 1.34 -18.64
CA LEU C 231 -10.89 1.30 -17.53
C LEU C 231 -12.32 1.54 -17.98
N ALA C 232 -12.52 2.37 -19.01
CA ALA C 232 -13.86 2.60 -19.53
C ALA C 232 -14.40 1.43 -20.35
N SER C 233 -13.52 0.60 -20.90
CA SER C 233 -13.96 -0.47 -21.78
C SER C 233 -14.39 -1.72 -21.02
N ASP C 234 -15.18 -2.56 -21.69
CA ASP C 234 -15.56 -3.81 -21.08
C ASP C 234 -14.39 -4.77 -20.92
N GLU C 235 -13.24 -4.47 -21.54
CA GLU C 235 -12.03 -5.25 -21.28
C GLU C 235 -11.71 -5.32 -19.80
N SER C 236 -12.10 -4.30 -19.02
CA SER C 236 -11.74 -4.21 -17.61
C SER C 236 -12.90 -4.59 -16.70
N LYS C 237 -13.78 -5.49 -17.16
CA LYS C 237 -15.01 -5.82 -16.44
C LYS C 237 -14.80 -6.48 -15.09
N PHE C 238 -13.61 -7.00 -14.81
CA PHE C 238 -13.28 -7.53 -13.49
C PHE C 238 -12.45 -6.57 -12.64
N ALA C 239 -12.18 -5.36 -13.13
CA ALA C 239 -11.40 -4.36 -12.38
C ALA C 239 -12.33 -3.41 -11.66
N THR C 240 -12.28 -3.43 -10.32
CA THR C 240 -13.00 -2.44 -9.54
C THR C 240 -12.33 -2.27 -8.18
N GLY C 241 -12.44 -1.06 -7.65
CA GLY C 241 -11.82 -0.72 -6.38
C GLY C 241 -10.33 -0.59 -6.41
N ALA C 242 -9.70 -0.50 -7.58
CA ALA C 242 -8.25 -0.59 -7.72
C ALA C 242 -7.67 0.73 -8.17
N GLU C 243 -6.35 0.81 -8.03
CA GLU C 243 -5.55 2.02 -8.29
C GLU C 243 -4.61 1.75 -9.43
N PHE C 244 -4.69 2.55 -10.49
CA PHE C 244 -3.87 2.39 -11.69
C PHE C 244 -2.85 3.53 -11.76
N VAL C 245 -1.57 3.18 -11.56
CA VAL C 245 -0.49 4.15 -11.38
C VAL C 245 0.34 4.20 -12.67
N VAL C 246 0.45 5.41 -13.24
CA VAL C 246 1.18 5.64 -14.48
C VAL C 246 2.09 6.84 -14.18
N ASP C 247 3.31 6.56 -13.69
CA ASP C 247 4.06 7.60 -13.01
C ASP C 247 5.58 7.60 -13.26
N GLY C 248 6.06 6.93 -14.31
CA GLY C 248 7.49 6.92 -14.60
C GLY C 248 8.36 6.28 -13.52
N GLY C 249 7.76 5.50 -12.63
CA GLY C 249 8.52 4.94 -11.50
C GLY C 249 8.54 5.78 -10.25
N TYR C 250 7.82 6.91 -10.22
CA TYR C 250 7.89 7.84 -9.09
C TYR C 250 7.65 7.15 -7.76
N THR C 251 6.57 6.36 -7.65
CA THR C 251 6.25 5.73 -6.37
C THR C 251 6.88 4.36 -6.19
N ALA C 252 7.66 3.87 -7.17
CA ALA C 252 8.34 2.60 -7.01
C ALA C 252 9.60 2.71 -6.16
N GLN C 253 10.09 3.92 -5.91
CA GLN C 253 11.27 4.11 -5.06
C GLN C 253 10.88 4.86 -3.81
N THR D 3 5.77 -2.42 35.41
CA THR D 3 6.78 -1.49 34.93
C THR D 3 7.79 -2.19 34.00
N ASP D 4 7.78 -3.52 34.03
CA ASP D 4 8.55 -4.32 33.08
C ASP D 4 7.63 -4.68 31.93
N ARG D 5 7.82 -4.03 30.78
CA ARG D 5 6.87 -4.19 29.69
C ARG D 5 6.92 -5.58 29.07
N LEU D 6 8.00 -6.33 29.27
CA LEU D 6 8.16 -7.68 28.76
C LEU D 6 8.37 -8.68 29.89
N LYS D 7 7.66 -8.48 31.01
CA LYS D 7 7.83 -9.35 32.18
C LYS D 7 7.39 -10.76 31.84
N GLY D 8 8.28 -11.73 32.04
CA GLY D 8 7.97 -13.13 31.81
C GLY D 8 8.23 -13.63 30.40
N LYS D 9 8.62 -12.76 29.48
CA LYS D 9 8.80 -13.15 28.09
C LYS D 9 10.17 -13.78 27.87
N VAL D 10 10.22 -14.76 26.97
CA VAL D 10 11.46 -15.42 26.59
C VAL D 10 11.61 -15.28 25.08
N ALA D 11 12.69 -14.63 24.64
CA ALA D 11 12.87 -14.24 23.25
C ALA D 11 14.09 -14.87 22.61
N ILE D 12 13.92 -15.36 21.38
CA ILE D 12 15.02 -15.65 20.46
C ILE D 12 15.20 -14.46 19.53
N VAL D 13 16.44 -13.96 19.41
CA VAL D 13 16.77 -12.88 18.49
C VAL D 13 17.91 -13.36 17.61
N THR D 14 17.60 -13.71 16.36
CA THR D 14 18.65 -14.11 15.42
C THR D 14 19.42 -12.90 14.95
N GLY D 15 20.72 -13.10 14.73
CA GLY D 15 21.59 -11.97 14.44
C GLY D 15 21.58 -10.91 15.53
N GLY D 16 21.53 -11.34 16.79
CA GLY D 16 21.41 -10.42 17.89
C GLY D 16 22.73 -10.01 18.50
N THR D 17 23.83 -10.15 17.75
CA THR D 17 25.14 -9.82 18.27
C THR D 17 25.71 -8.54 17.68
N LEU D 18 25.14 -8.01 16.60
CA LEU D 18 25.57 -6.75 16.03
C LEU D 18 24.37 -5.91 15.61
N GLY D 19 24.52 -4.59 15.68
CA GLY D 19 23.57 -3.69 15.03
C GLY D 19 22.18 -3.74 15.63
N ILE D 20 21.17 -3.83 14.75
CA ILE D 20 19.78 -3.77 15.20
C ILE D 20 19.47 -4.90 16.18
N GLY D 21 19.90 -6.11 15.83
CA GLY D 21 19.64 -7.25 16.70
C GLY D 21 20.19 -7.04 18.10
N LEU D 22 21.41 -6.51 18.21
CA LEU D 22 22.01 -6.27 19.51
C LEU D 22 21.15 -5.34 20.35
N ALA D 23 20.67 -4.25 19.74
CA ALA D 23 19.86 -3.29 20.51
C ALA D 23 18.51 -3.89 20.90
N ILE D 24 17.93 -4.73 20.05
CA ILE D 24 16.67 -5.39 20.41
C ILE D 24 16.85 -6.22 21.68
N ALA D 25 17.89 -7.06 21.69
CA ALA D 25 18.21 -7.83 22.88
C ALA D 25 18.43 -6.92 24.09
N ASP D 26 19.24 -5.86 23.91
CA ASP D 26 19.54 -4.93 25.00
C ASP D 26 18.27 -4.40 25.67
N LYS D 27 17.32 -3.88 24.88
CA LYS D 27 16.11 -3.33 25.46
C LYS D 27 15.09 -4.40 25.85
N PHE D 28 15.13 -5.57 25.20
CA PHE D 28 14.29 -6.69 25.65
C PHE D 28 14.62 -7.07 27.09
N VAL D 29 15.92 -7.12 27.43
CA VAL D 29 16.33 -7.48 28.79
C VAL D 29 16.03 -6.34 29.77
N GLU D 30 16.21 -5.09 29.31
CA GLU D 30 15.86 -3.95 30.15
C GLU D 30 14.39 -3.98 30.54
N GLU D 31 13.53 -4.57 29.71
CA GLU D 31 12.10 -4.64 30.00
C GLU D 31 11.68 -5.97 30.61
N GLY D 32 12.64 -6.83 30.96
CA GLY D 32 12.37 -7.99 31.77
C GLY D 32 12.33 -9.32 31.07
N ALA D 33 12.88 -9.43 29.86
CA ALA D 33 12.79 -10.64 29.07
C ALA D 33 14.12 -11.38 29.07
N LYS D 34 14.06 -12.70 29.14
CA LYS D 34 15.24 -13.52 28.88
C LYS D 34 15.40 -13.67 27.37
N VAL D 35 16.62 -13.51 26.89
CA VAL D 35 16.92 -13.41 25.46
C VAL D 35 18.03 -14.39 25.08
N VAL D 36 17.87 -15.04 23.94
CA VAL D 36 18.93 -15.82 23.33
C VAL D 36 19.25 -15.16 22.00
N ILE D 37 20.51 -14.79 21.79
CA ILE D 37 20.95 -14.17 20.55
C ILE D 37 21.82 -15.16 19.78
N THR D 38 21.75 -15.08 18.46
CA THR D 38 22.49 -15.98 17.60
C THR D 38 23.40 -15.19 16.66
N GLY D 39 24.34 -15.91 16.06
CA GLY D 39 25.32 -15.33 15.17
C GLY D 39 26.23 -16.44 14.66
N ARG D 40 26.83 -16.23 13.49
CA ARG D 40 27.70 -17.26 12.90
C ARG D 40 29.09 -17.26 13.53
N HIS D 41 29.60 -16.10 13.93
CA HIS D 41 30.95 -15.99 14.48
C HIS D 41 30.87 -16.10 16.00
N ALA D 42 31.40 -17.20 16.54
CA ALA D 42 31.31 -17.46 17.98
C ALA D 42 32.05 -16.41 18.81
N ASP D 43 33.17 -15.90 18.28
CA ASP D 43 33.98 -14.95 19.05
C ASP D 43 33.24 -13.62 19.23
N VAL D 44 32.87 -12.97 18.12
CA VAL D 44 32.11 -11.73 18.17
C VAL D 44 30.82 -11.92 18.96
N GLY D 45 30.15 -13.07 18.76
CA GLY D 45 28.88 -13.30 19.40
C GLY D 45 28.96 -13.52 20.89
N GLU D 46 30.09 -14.03 21.39
CA GLU D 46 30.16 -14.37 22.80
C GLU D 46 30.25 -13.13 23.67
N LYS D 47 31.13 -12.19 23.32
CA LYS D 47 31.20 -10.94 24.06
C LYS D 47 29.95 -10.09 23.83
N ALA D 48 29.36 -10.14 22.62
CA ALA D 48 28.11 -9.41 22.38
C ALA D 48 27.06 -9.78 23.43
N ALA D 49 26.95 -11.06 23.77
CA ALA D 49 26.00 -11.48 24.78
C ALA D 49 26.32 -10.88 26.14
N LYS D 50 27.62 -10.91 26.49
CA LYS D 50 28.09 -10.38 27.78
C LYS D 50 27.89 -8.86 27.90
N SER D 51 28.10 -8.08 26.84
CA SER D 51 27.84 -6.60 26.87
C SER D 51 26.46 -6.22 27.46
N ILE D 52 25.46 -7.04 27.22
CA ILE D 52 24.10 -6.74 27.75
C ILE D 52 23.94 -7.35 29.15
N GLY D 53 24.43 -8.58 29.35
CA GLY D 53 24.30 -9.13 30.69
C GLY D 53 24.85 -10.52 30.79
N GLY D 54 24.42 -11.22 31.81
CA GLY D 54 24.91 -12.56 32.12
C GLY D 54 23.95 -13.65 31.69
N THR D 55 24.26 -14.84 32.11
CA THR D 55 23.53 -16.04 31.69
C THR D 55 22.14 -16.14 32.29
N ASP D 56 21.80 -15.29 33.25
CA ASP D 56 20.47 -15.27 33.84
C ASP D 56 19.50 -14.38 33.08
N VAL D 57 19.97 -13.67 32.04
CA VAL D 57 19.12 -12.79 31.25
C VAL D 57 19.30 -13.13 29.77
N ILE D 58 20.55 -13.31 29.34
CA ILE D 58 20.89 -13.40 27.93
C ILE D 58 22.00 -14.43 27.75
N ARG D 59 21.93 -15.17 26.64
CA ARG D 59 22.96 -16.12 26.28
C ARG D 59 23.13 -16.10 24.76
N PHE D 60 24.33 -16.47 24.32
CA PHE D 60 24.64 -16.63 22.92
C PHE D 60 24.46 -18.09 22.52
N VAL D 61 24.06 -18.29 21.28
CA VAL D 61 23.97 -19.61 20.66
C VAL D 61 24.47 -19.47 19.23
N GLN D 62 25.58 -20.12 18.93
CA GLN D 62 26.04 -20.14 17.54
C GLN D 62 25.00 -20.84 16.68
N HIS D 63 24.56 -20.17 15.61
CA HIS D 63 23.53 -20.71 14.74
C HIS D 63 23.40 -19.89 13.46
N ASP D 64 23.58 -20.52 12.32
CA ASP D 64 23.25 -19.89 11.05
C ASP D 64 21.74 -19.97 10.85
N ALA D 65 21.12 -18.84 10.51
CA ALA D 65 19.66 -18.80 10.43
C ALA D 65 19.14 -19.73 9.35
N SER D 66 19.94 -20.00 8.32
CA SER D 66 19.51 -20.84 7.21
C SER D 66 19.69 -22.32 7.48
N ASP D 67 20.23 -22.70 8.64
CA ASP D 67 20.40 -24.11 9.00
C ASP D 67 19.12 -24.57 9.69
N GLU D 68 18.32 -25.36 8.97
CA GLU D 68 16.99 -25.74 9.44
C GLU D 68 17.06 -26.60 10.70
N ALA D 69 17.94 -27.61 10.71
CA ALA D 69 18.01 -28.50 11.87
C ALA D 69 18.42 -27.74 13.13
N GLY D 70 19.28 -26.73 13.01
CA GLY D 70 19.71 -25.99 14.18
C GLY D 70 18.59 -25.23 14.85
N TRP D 71 17.57 -24.83 14.08
CA TRP D 71 16.43 -24.12 14.67
C TRP D 71 15.80 -24.95 15.78
N THR D 72 15.67 -26.26 15.58
CA THR D 72 15.13 -27.11 16.62
C THR D 72 16.02 -27.13 17.86
N LYS D 73 17.33 -27.24 17.66
CA LYS D 73 18.27 -27.19 18.78
C LYS D 73 18.22 -25.83 19.46
N LEU D 74 18.04 -24.77 18.68
CA LEU D 74 17.97 -23.42 19.23
C LEU D 74 16.80 -23.26 20.18
N PHE D 75 15.62 -23.79 19.82
CA PHE D 75 14.45 -23.70 20.69
C PHE D 75 14.61 -24.57 21.93
N ASP D 76 15.11 -25.79 21.75
CA ASP D 76 15.38 -26.68 22.89
C ASP D 76 16.37 -26.03 23.85
N THR D 77 17.49 -25.55 23.32
CA THR D 77 18.47 -24.85 24.15
C THR D 77 17.84 -23.69 24.90
N THR D 78 17.09 -22.85 24.20
CA THR D 78 16.48 -21.70 24.85
C THR D 78 15.49 -22.12 25.92
N GLU D 79 14.72 -23.19 25.64
CA GLU D 79 13.61 -23.52 26.51
C GLU D 79 14.07 -24.06 27.86
N GLU D 80 15.10 -24.92 27.87
CA GLU D 80 15.54 -25.43 29.16
C GLU D 80 16.35 -24.38 29.93
N ALA D 81 16.95 -23.43 29.20
CA ALA D 81 17.61 -22.31 29.87
C ALA D 81 16.61 -21.39 30.55
N PHE D 82 15.54 -21.00 29.84
CA PHE D 82 14.66 -19.94 30.31
C PHE D 82 13.18 -20.30 30.36
N GLY D 83 12.75 -21.45 29.86
CA GLY D 83 11.35 -21.78 29.83
C GLY D 83 10.78 -21.67 28.42
N PRO D 84 9.47 -21.85 28.29
CA PRO D 84 8.87 -21.84 26.95
C PRO D 84 9.10 -20.51 26.24
N VAL D 85 9.58 -20.59 25.00
CA VAL D 85 9.79 -19.40 24.18
C VAL D 85 8.47 -18.70 23.92
N THR D 86 8.45 -17.37 24.10
CA THR D 86 7.27 -16.56 23.82
C THR D 86 7.44 -15.64 22.63
N THR D 87 8.67 -15.36 22.22
CA THR D 87 8.93 -14.26 21.31
C THR D 87 10.07 -14.63 20.37
N VAL D 88 9.84 -14.45 19.07
CA VAL D 88 10.81 -14.78 18.04
C VAL D 88 11.00 -13.55 17.18
N VAL D 89 12.22 -13.03 17.14
CA VAL D 89 12.58 -11.89 16.32
C VAL D 89 13.52 -12.42 15.24
N ASN D 90 12.98 -12.60 14.04
CA ASN D 90 13.75 -13.10 12.91
C ASN D 90 14.52 -11.93 12.30
N ASN D 91 15.69 -11.63 12.86
CA ASN D 91 16.42 -10.43 12.47
C ASN D 91 17.60 -10.71 11.55
N ALA D 92 18.19 -11.90 11.60
CA ALA D 92 19.38 -12.19 10.81
C ALA D 92 19.14 -11.92 9.33
N GLY D 93 20.08 -11.23 8.71
CA GLY D 93 19.97 -10.92 7.29
C GLY D 93 21.24 -10.41 6.67
N ILE D 94 21.40 -10.61 5.37
CA ILE D 94 22.56 -10.15 4.63
C ILE D 94 22.11 -9.33 3.43
N ALA D 95 23.07 -8.59 2.85
CA ALA D 95 22.82 -7.74 1.70
C ALA D 95 23.79 -8.07 0.57
N VAL D 96 23.39 -7.68 -0.63
CA VAL D 96 24.18 -7.86 -1.86
C VAL D 96 23.98 -6.63 -2.72
N SER D 97 25.06 -5.95 -3.08
CA SER D 97 24.97 -4.71 -3.85
C SER D 97 25.04 -5.00 -5.35
N LYS D 98 23.95 -5.56 -5.87
CA LYS D 98 23.78 -5.85 -7.28
C LYS D 98 22.36 -5.50 -7.70
N SER D 99 22.22 -4.99 -8.92
CA SER D 99 20.90 -4.92 -9.53
C SER D 99 20.42 -6.32 -9.86
N VAL D 100 19.13 -6.44 -10.23
CA VAL D 100 18.61 -7.72 -10.68
C VAL D 100 19.41 -8.23 -11.87
N GLU D 101 19.63 -7.35 -12.84
CA GLU D 101 20.39 -7.68 -14.04
C GLU D 101 21.76 -8.26 -13.71
N ASP D 102 22.45 -7.68 -12.72
CA ASP D 102 23.83 -8.02 -12.42
C ASP D 102 23.95 -9.10 -11.34
N THR D 103 22.84 -9.68 -10.90
CA THR D 103 22.88 -10.63 -9.80
C THR D 103 23.26 -12.00 -10.33
N THR D 104 24.26 -12.64 -9.71
CA THR D 104 24.55 -14.03 -10.05
C THR D 104 23.62 -14.95 -9.28
N THR D 105 23.39 -16.15 -9.84
CA THR D 105 22.51 -17.09 -9.19
C THR D 105 23.04 -17.51 -7.84
N GLU D 106 24.37 -17.60 -7.67
CA GLU D 106 24.93 -17.93 -6.36
C GLU D 106 24.63 -16.84 -5.34
N GLU D 107 24.68 -15.57 -5.77
CA GLU D 107 24.34 -14.44 -4.89
C GLU D 107 22.86 -14.48 -4.51
N TRP D 108 22.01 -14.64 -5.51
CA TRP D 108 20.58 -14.81 -5.33
C TRP D 108 20.29 -15.89 -4.30
N ARG D 109 20.85 -17.09 -4.49
CA ARG D 109 20.52 -18.20 -3.61
C ARG D 109 21.07 -17.97 -2.21
N LYS D 110 22.27 -17.41 -2.10
CA LYS D 110 22.85 -17.23 -0.77
C LYS D 110 22.04 -16.24 0.06
N LEU D 111 21.66 -15.10 -0.55
CA LEU D 111 20.91 -14.11 0.20
C LEU D 111 19.55 -14.66 0.63
N LEU D 112 18.86 -15.39 -0.27
CA LEU D 112 17.53 -15.88 0.06
C LEU D 112 17.56 -16.97 1.11
N SER D 113 18.66 -17.75 1.19
CA SER D 113 18.74 -18.79 2.22
C SER D 113 18.72 -18.18 3.61
N VAL D 114 19.36 -17.03 3.79
CA VAL D 114 19.34 -16.36 5.08
C VAL D 114 18.08 -15.53 5.24
N ASN D 115 17.84 -14.63 4.27
CA ASN D 115 16.81 -13.60 4.41
C ASN D 115 15.40 -14.15 4.26
N LEU D 116 15.21 -15.18 3.42
CA LEU D 116 13.89 -15.76 3.23
C LEU D 116 13.74 -17.11 3.92
N ASP D 117 14.60 -18.09 3.61
CA ASP D 117 14.47 -19.41 4.23
C ASP D 117 14.56 -19.30 5.74
N GLY D 118 15.50 -18.51 6.25
CA GLY D 118 15.68 -18.38 7.68
C GLY D 118 14.46 -17.80 8.38
N VAL D 119 13.86 -16.78 7.80
CA VAL D 119 12.64 -16.23 8.40
C VAL D 119 11.54 -17.29 8.40
N PHE D 120 11.46 -18.08 7.32
CA PHE D 120 10.46 -19.14 7.24
C PHE D 120 10.68 -20.18 8.33
N PHE D 121 11.94 -20.61 8.53
CA PHE D 121 12.23 -21.62 9.54
C PHE D 121 11.84 -21.13 10.93
N GLY D 122 12.22 -19.90 11.29
CA GLY D 122 11.90 -19.39 12.60
C GLY D 122 10.41 -19.19 12.82
N THR D 123 9.70 -18.71 11.79
CA THR D 123 8.27 -18.47 11.92
C THR D 123 7.50 -19.79 12.01
N ARG D 124 7.80 -20.71 11.09
CA ARG D 124 7.13 -22.02 11.09
C ARG D 124 7.33 -22.72 12.43
N LEU D 125 8.59 -22.92 12.84
CA LEU D 125 8.86 -23.56 14.13
C LEU D 125 8.29 -22.73 15.28
N GLY D 126 8.38 -21.39 15.19
CA GLY D 126 7.85 -20.55 16.25
C GLY D 126 6.35 -20.74 16.46
N ILE D 127 5.61 -20.94 15.38
CA ILE D 127 4.17 -21.20 15.53
C ILE D 127 3.95 -22.56 16.19
N GLN D 128 4.66 -23.58 15.70
CA GLN D 128 4.51 -24.93 16.24
C GLN D 128 4.78 -24.96 17.74
N ARG D 129 5.84 -24.29 18.18
CA ARG D 129 6.29 -24.40 19.57
C ARG D 129 5.58 -23.45 20.52
N MET D 130 4.94 -22.38 20.02
CA MET D 130 4.35 -21.37 20.90
C MET D 130 2.84 -21.31 20.84
N LYS D 131 2.20 -21.97 19.88
CA LYS D 131 0.75 -21.89 19.78
C LYS D 131 0.08 -22.55 20.97
N ASN D 132 -1.10 -22.04 21.32
CA ASN D 132 -2.04 -22.71 22.21
C ASN D 132 -1.54 -22.83 23.65
N LYS D 133 -0.59 -22.00 24.08
CA LYS D 133 -0.05 -22.07 25.43
C LYS D 133 -0.40 -20.86 26.28
N GLY D 134 -1.20 -19.92 25.79
CA GLY D 134 -1.53 -18.75 26.59
C GLY D 134 -0.35 -17.88 26.92
N LEU D 135 0.70 -17.91 26.12
CA LEU D 135 1.93 -17.16 26.36
C LEU D 135 1.89 -15.74 25.84
N GLY D 136 0.90 -15.36 25.02
CA GLY D 136 0.98 -14.07 24.36
C GLY D 136 2.17 -14.03 23.41
N ALA D 137 2.26 -15.05 22.57
CA ALA D 137 3.40 -15.20 21.66
C ALA D 137 3.37 -14.15 20.57
N SER D 138 4.56 -13.76 20.14
CA SER D 138 4.71 -12.73 19.12
C SER D 138 5.92 -13.09 18.27
N ILE D 139 5.71 -13.19 16.95
CA ILE D 139 6.80 -13.36 16.00
C ILE D 139 7.00 -12.00 15.32
N ILE D 140 8.23 -11.49 15.38
CA ILE D 140 8.57 -10.17 14.84
C ILE D 140 9.54 -10.41 13.69
N ASN D 141 9.08 -10.19 12.46
CA ASN D 141 9.86 -10.49 11.28
C ASN D 141 10.45 -9.21 10.71
N MET D 142 11.78 -9.13 10.70
CA MET D 142 12.48 -7.94 10.24
C MET D 142 12.43 -7.88 8.71
N SER D 143 11.58 -7.02 8.18
CA SER D 143 11.63 -6.74 6.76
C SER D 143 12.51 -5.52 6.56
N SER D 144 12.04 -4.58 5.75
CA SER D 144 12.82 -3.38 5.46
C SER D 144 11.87 -2.43 4.75
N ILE D 145 12.28 -1.16 4.64
CA ILE D 145 11.69 -0.33 3.61
C ILE D 145 11.88 -0.97 2.25
N GLU D 146 12.93 -1.78 2.11
CA GLU D 146 13.15 -2.49 0.85
C GLU D 146 12.16 -3.63 0.63
N GLY D 147 11.27 -3.88 1.59
CA GLY D 147 10.10 -4.71 1.35
C GLY D 147 8.89 -3.93 0.90
N LEU D 148 9.05 -2.60 0.75
CA LEU D 148 7.96 -1.68 0.45
C LEU D 148 8.20 -0.89 -0.81
N VAL D 149 9.46 -0.54 -1.10
CA VAL D 149 9.83 0.13 -2.34
C VAL D 149 11.04 -0.60 -2.90
N GLY D 150 11.26 -0.44 -4.19
CA GLY D 150 12.43 -1.02 -4.79
C GLY D 150 13.69 -0.18 -4.59
N ASP D 151 14.82 -0.82 -4.87
CA ASP D 151 16.10 -0.15 -4.92
C ASP D 151 16.78 -0.73 -6.17
N PRO D 152 17.24 0.12 -7.08
CA PRO D 152 17.83 -0.40 -8.33
C PRO D 152 19.04 -1.29 -8.13
N THR D 153 19.75 -1.21 -7.01
CA THR D 153 20.93 -2.03 -6.85
C THR D 153 20.84 -2.92 -5.62
N GLN D 154 19.61 -3.36 -5.30
CA GLN D 154 19.36 -4.28 -4.20
C GLN D 154 18.31 -5.33 -4.62
N GLY D 155 18.46 -5.88 -5.83
CA GLY D 155 17.40 -6.73 -6.40
C GLY D 155 17.09 -7.95 -5.56
N ALA D 156 18.11 -8.73 -5.23
CA ALA D 156 17.90 -9.92 -4.41
C ALA D 156 17.35 -9.56 -3.04
N TYR D 157 17.87 -8.48 -2.45
CA TYR D 157 17.39 -8.04 -1.15
C TYR D 157 15.91 -7.64 -1.21
N ASN D 158 15.52 -6.87 -2.24
CA ASN D 158 14.11 -6.50 -2.40
C ASN D 158 13.22 -7.74 -2.45
N ALA D 159 13.65 -8.75 -3.22
CA ALA D 159 12.87 -9.99 -3.30
C ALA D 159 12.65 -10.59 -1.93
N SER D 160 13.75 -10.76 -1.16
CA SER D 160 13.64 -11.39 0.16
C SER D 160 12.74 -10.59 1.10
N LYS D 161 12.84 -9.26 1.08
CA LYS D 161 12.06 -8.46 2.03
C LYS D 161 10.58 -8.38 1.64
N GLY D 162 10.27 -8.38 0.35
CA GLY D 162 8.87 -8.49 -0.07
C GLY D 162 8.28 -9.86 0.26
N ALA D 163 9.10 -10.91 0.19
CA ALA D 163 8.61 -12.23 0.59
C ALA D 163 8.29 -12.24 2.08
N VAL D 164 9.20 -11.73 2.90
CA VAL D 164 8.99 -11.69 4.34
C VAL D 164 7.72 -10.90 4.67
N ARG D 165 7.51 -9.80 3.95
CA ARG D 165 6.35 -8.95 4.22
C ARG D 165 5.04 -9.72 4.11
N ILE D 166 4.84 -10.44 2.99
CA ILE D 166 3.54 -11.07 2.76
C ILE D 166 3.44 -12.43 3.45
N MET D 167 4.54 -13.18 3.56
CA MET D 167 4.51 -14.45 4.27
C MET D 167 4.09 -14.25 5.72
N SER D 168 4.53 -13.17 6.34
CA SER D 168 4.15 -12.88 7.72
C SER D 168 2.65 -12.66 7.85
N LYS D 169 2.01 -12.07 6.83
CA LYS D 169 0.56 -11.91 6.84
C LYS D 169 -0.15 -13.26 6.81
N SER D 170 0.27 -14.17 5.91
CA SER D 170 -0.25 -15.54 5.90
C SER D 170 -0.23 -16.15 7.30
N ALA D 171 0.93 -16.08 7.94
CA ALA D 171 1.11 -16.67 9.27
C ALA D 171 0.28 -15.95 10.32
N ALA D 172 0.24 -14.62 10.26
CA ALA D 172 -0.62 -13.87 11.16
C ALA D 172 -2.08 -14.31 11.00
N LEU D 173 -2.54 -14.47 9.76
CA LEU D 173 -3.96 -14.79 9.58
C LEU D 173 -4.27 -16.18 10.10
N ASP D 174 -3.44 -17.17 9.77
CA ASP D 174 -3.69 -18.54 10.21
C ASP D 174 -3.68 -18.64 11.73
N CYS D 175 -2.72 -17.98 12.38
CA CYS D 175 -2.66 -17.98 13.84
C CYS D 175 -3.89 -17.32 14.46
N ALA D 176 -4.33 -16.20 13.90
CA ALA D 176 -5.52 -15.54 14.42
C ALA D 176 -6.76 -16.41 14.25
N LEU D 177 -6.95 -16.94 13.04
CA LEU D 177 -8.18 -17.68 12.75
C LEU D 177 -8.29 -18.97 13.56
N LYS D 178 -7.17 -19.51 14.02
CA LYS D 178 -7.14 -20.75 14.80
C LYS D 178 -7.00 -20.50 16.30
N ASP D 179 -7.09 -19.24 16.75
CA ASP D 179 -6.93 -18.87 18.15
C ASP D 179 -5.68 -19.49 18.76
N TYR D 180 -4.58 -19.46 17.99
CA TYR D 180 -3.31 -20.00 18.44
C TYR D 180 -2.67 -19.15 19.53
N ASP D 181 -3.10 -17.89 19.69
CA ASP D 181 -2.46 -16.94 20.62
C ASP D 181 -1.02 -16.66 20.20
N VAL D 182 -0.80 -16.53 18.90
CA VAL D 182 0.48 -16.10 18.35
C VAL D 182 0.21 -14.97 17.35
N ARG D 183 0.90 -13.85 17.52
CA ARG D 183 0.81 -12.72 16.61
C ARG D 183 2.07 -12.65 15.77
N VAL D 184 1.91 -12.20 14.52
CA VAL D 184 3.02 -12.08 13.56
C VAL D 184 2.92 -10.70 12.91
N ASN D 185 3.98 -9.91 13.02
CA ASN D 185 4.05 -8.59 12.44
C ASN D 185 5.44 -8.38 11.82
N THR D 186 5.54 -7.39 10.93
CA THR D 186 6.81 -7.08 10.30
C THR D 186 7.24 -5.67 10.67
N VAL D 187 8.55 -5.49 10.77
CA VAL D 187 9.17 -4.21 11.05
C VAL D 187 9.95 -3.78 9.81
N HIS D 188 9.88 -2.51 9.47
CA HIS D 188 10.44 -2.00 8.23
C HIS D 188 11.34 -0.82 8.55
N PRO D 189 12.58 -1.09 8.96
CA PRO D 189 13.51 0.02 9.23
C PRO D 189 13.93 0.70 7.94
N GLY D 190 14.05 2.03 8.00
CA GLY D 190 14.79 2.76 7.01
C GLY D 190 16.28 2.57 7.26
N PRO D 191 17.11 3.44 6.70
CA PRO D 191 18.57 3.31 6.90
C PRO D 191 18.94 3.53 8.36
N ILE D 192 19.71 2.60 8.91
CA ILE D 192 20.07 2.59 10.33
C ILE D 192 21.57 2.38 10.44
N LYS D 193 22.24 3.24 11.21
CA LYS D 193 23.69 3.13 11.40
C LYS D 193 24.02 1.83 12.14
N THR D 194 24.48 0.82 11.39
CA THR D 194 24.91 -0.48 11.90
C THR D 194 26.20 -0.91 11.19
N PRO D 195 26.83 -2.02 11.59
CA PRO D 195 28.00 -2.50 10.82
C PRO D 195 27.69 -2.78 9.35
N LEU D 196 26.51 -3.34 9.05
CA LEU D 196 26.12 -3.56 7.66
C LEU D 196 26.18 -2.26 6.85
N VAL D 197 25.73 -1.15 7.44
CA VAL D 197 25.79 0.14 6.76
C VAL D 197 27.19 0.75 6.87
N ASP D 198 27.84 0.61 8.01
CA ASP D 198 29.20 1.14 8.19
C ASP D 198 30.17 0.57 7.17
N ASP D 199 29.93 -0.66 6.71
CA ASP D 199 30.85 -1.34 5.81
C ASP D 199 30.66 -0.95 4.35
N ALA D 200 29.42 -0.66 3.94
CA ALA D 200 29.17 -0.11 2.62
C ALA D 200 29.64 1.35 2.60
N GLU D 201 30.76 1.59 1.91
CA GLU D 201 31.42 2.89 2.00
C GLU D 201 30.55 3.99 1.38
N GLY D 202 30.47 5.13 2.08
CA GLY D 202 29.70 6.26 1.61
C GLY D 202 28.20 6.11 1.70
N ALA D 203 27.72 5.03 2.32
CA ALA D 203 26.28 4.77 2.34
C ALA D 203 25.56 5.73 3.28
N GLU D 204 26.11 5.94 4.48
CA GLU D 204 25.43 6.80 5.45
C GLU D 204 25.24 8.20 4.90
N GLU D 205 26.23 8.71 4.19
CA GLU D 205 26.11 10.02 3.57
C GLU D 205 25.11 9.97 2.42
N PHE D 206 25.16 8.91 1.61
CA PHE D 206 24.23 8.77 0.50
C PHE D 206 22.79 8.75 1.00
N PHE D 207 22.52 8.00 2.06
CA PHE D 207 21.16 7.84 2.54
C PHE D 207 20.77 8.91 3.54
N SER D 208 21.68 9.82 3.86
CA SER D 208 21.34 11.01 4.62
C SER D 208 20.87 12.15 3.73
N GLN D 209 20.99 12.02 2.41
CA GLN D 209 20.46 13.04 1.51
C GLN D 209 18.95 13.15 1.69
N ARG D 210 18.44 14.37 1.54
CA ARG D 210 17.03 14.60 1.76
C ARG D 210 16.15 13.88 0.75
N THR D 211 16.64 13.68 -0.48
CA THR D 211 15.89 12.91 -1.46
C THR D 211 15.80 11.43 -1.10
N LYS D 212 16.60 10.97 -0.14
CA LYS D 212 16.48 9.62 0.40
C LYS D 212 15.75 9.64 1.75
N THR D 213 16.41 10.13 2.81
CA THR D 213 15.77 10.24 4.12
C THR D 213 15.39 11.69 4.38
N PRO D 214 14.09 12.03 4.43
CA PRO D 214 13.68 13.43 4.64
C PRO D 214 14.20 14.06 5.92
N MET D 215 14.48 13.28 6.95
CA MET D 215 15.00 13.86 8.19
C MET D 215 16.46 14.31 8.07
N GLY D 216 17.14 13.98 6.98
CA GLY D 216 18.50 14.43 6.77
C GLY D 216 19.57 13.61 7.46
N HIS D 217 19.20 12.55 8.17
CA HIS D 217 20.14 11.67 8.83
C HIS D 217 19.56 10.26 8.81
N ILE D 218 20.36 9.29 9.23
CA ILE D 218 19.88 7.93 9.39
C ILE D 218 19.63 7.66 10.87
N GLY D 219 18.86 6.61 11.17
CA GLY D 219 18.49 6.29 12.52
C GLY D 219 19.55 5.45 13.22
N GLU D 220 19.23 5.06 14.46
CA GLU D 220 20.11 4.26 15.29
C GLU D 220 19.42 2.96 15.68
N PRO D 221 20.19 1.92 16.06
CA PRO D 221 19.55 0.63 16.38
C PRO D 221 18.49 0.72 17.47
N ASN D 222 18.61 1.68 18.38
CA ASN D 222 17.59 1.81 19.41
C ASN D 222 16.23 2.17 18.81
N ASP D 223 16.22 2.84 17.65
CA ASP D 223 14.95 3.17 17.02
C ASP D 223 14.18 1.91 16.66
N ILE D 224 14.89 0.85 16.24
CA ILE D 224 14.20 -0.38 15.89
C ILE D 224 13.91 -1.20 17.14
N ALA D 225 14.75 -1.07 18.17
CA ALA D 225 14.53 -1.82 19.41
C ALA D 225 13.21 -1.44 20.08
N TRP D 226 12.88 -0.15 20.10
CA TRP D 226 11.70 0.27 20.86
C TRP D 226 10.39 -0.15 20.18
N ILE D 227 10.36 -0.28 18.85
CA ILE D 227 9.14 -0.77 18.24
C ILE D 227 8.98 -2.27 18.47
N CYS D 228 10.10 -3.01 18.42
CA CYS D 228 10.06 -4.44 18.74
C CYS D 228 9.62 -4.69 20.17
N VAL D 229 9.97 -3.79 21.09
CA VAL D 229 9.51 -3.92 22.47
C VAL D 229 7.99 -3.84 22.51
N TYR D 230 7.43 -2.81 21.87
CA TYR D 230 5.98 -2.69 21.72
C TYR D 230 5.38 -3.95 21.08
N LEU D 231 6.01 -4.47 20.02
CA LEU D 231 5.41 -5.60 19.31
C LEU D 231 5.55 -6.90 20.08
N ALA D 232 6.57 -7.04 20.92
CA ALA D 232 6.72 -8.25 21.72
C ALA D 232 5.84 -8.24 22.96
N SER D 233 5.41 -7.08 23.43
CA SER D 233 4.65 -6.96 24.67
C SER D 233 3.15 -7.20 24.43
N ASP D 234 2.43 -7.43 25.53
CA ASP D 234 0.98 -7.56 25.47
C ASP D 234 0.28 -6.22 25.18
N GLU D 235 1.04 -5.13 25.10
CA GLU D 235 0.45 -3.86 24.68
C GLU D 235 -0.11 -3.91 23.27
N SER D 236 0.41 -4.82 22.44
CA SER D 236 0.11 -4.91 21.01
C SER D 236 -0.74 -6.12 20.67
N LYS D 237 -1.52 -6.61 21.65
CA LYS D 237 -2.25 -7.86 21.53
C LYS D 237 -3.34 -7.83 20.46
N PHE D 238 -3.72 -6.65 19.95
CA PHE D 238 -4.62 -6.54 18.81
C PHE D 238 -3.89 -6.25 17.50
N ALA D 239 -2.55 -6.19 17.53
CA ALA D 239 -1.74 -5.94 16.36
C ALA D 239 -1.23 -7.26 15.79
N THR D 240 -1.71 -7.61 14.59
CA THR D 240 -1.19 -8.77 13.88
C THR D 240 -1.30 -8.55 12.38
N GLY D 241 -0.33 -9.08 11.64
CA GLY D 241 -0.30 -8.99 10.20
C GLY D 241 -0.02 -7.61 9.65
N ALA D 242 0.48 -6.69 10.48
CA ALA D 242 0.66 -5.29 10.14
C ALA D 242 2.13 -4.97 9.93
N GLU D 243 2.37 -3.82 9.29
CA GLU D 243 3.70 -3.38 8.91
C GLU D 243 4.06 -2.11 9.69
N PHE D 244 5.14 -2.16 10.47
CA PHE D 244 5.55 -1.04 11.32
C PHE D 244 6.82 -0.43 10.75
N VAL D 245 6.71 0.81 10.26
CA VAL D 245 7.75 1.48 9.46
C VAL D 245 8.40 2.54 10.32
N VAL D 246 9.72 2.47 10.47
CA VAL D 246 10.49 3.44 11.23
C VAL D 246 11.66 3.83 10.33
N ASP D 247 11.49 4.92 9.55
CA ASP D 247 12.37 5.16 8.41
C ASP D 247 12.67 6.64 8.16
N GLY D 248 12.46 7.51 9.15
CA GLY D 248 12.76 8.91 8.94
C GLY D 248 11.98 9.58 7.83
N GLY D 249 10.83 9.01 7.45
CA GLY D 249 10.06 9.54 6.34
C GLY D 249 10.43 8.98 4.99
N TYR D 250 11.35 8.00 4.92
CA TYR D 250 11.89 7.54 3.64
C TYR D 250 10.77 7.16 2.66
N THR D 251 9.82 6.36 3.11
CA THR D 251 8.77 5.88 2.20
C THR D 251 7.59 6.83 2.12
N ALA D 252 7.59 7.92 2.89
CA ALA D 252 6.44 8.81 2.85
C ALA D 252 6.46 9.75 1.65
N GLN D 253 7.60 9.87 0.98
CA GLN D 253 7.70 10.66 -0.25
C GLN D 253 7.92 9.72 -1.42
#